data_7YDZ
#
_entry.id   7YDZ
#
_cell.length_a   72.530
_cell.length_b   115.710
_cell.length_c   169.280
_cell.angle_alpha   90.00
_cell.angle_beta   90.00
_cell.angle_gamma   90.00
#
_symmetry.space_group_name_H-M   'P 21 21 21'
#
loop_
_entity.id
_entity.type
_entity.pdbx_description
1 polymer 'Deoxyribodipyrimidine photo-lyase'
2 polymer 'CPD photolesion containing DNA'
3 polymer 'complementary oligonucleotide to the CPD containing DNA'
4 non-polymer 'FLAVIN-ADENINE DINUCLEOTIDE'
5 non-polymer 'SULFATE ION'
6 water water
#
loop_
_entity_poly.entity_id
_entity_poly.type
_entity_poly.pdbx_seq_one_letter_code
_entity_poly.pdbx_strand_id
1 'polypeptide(L)'
;MGSSHHHHHHSSGLVPRGSHMNPKRIRALKSGKQGDGPVVYWMSRDQRAEDNWALLFSRAIAKEANVPVVVVFCLTDEFL
EAGIRQYEFMLKGLQELEVSLSRKKIPSFFLRGDPGEKISRFVKDYNAGTLVTDFSPLRIKNQWIEKVISGISIPFFEVD
AHNVVPCWEASQKHEYAAHTFRPKLYALLPEFLEEFPELEPNSVTPELSAGAGMVETLSDVLETGVKALLPERALLKNKD
PLFEPWHFEPGEKAAKKVMESFIADRLDSYGALRNDPTKNMLSNLSPYLHFGQISSQRVVLEVEKAESNPGSKKAFLDEI
LIWKEISDNFCYYNPGYDGFESFPSWAKESLNAHRNDVRSHIYTLEEFEAGKTHDPLWNASQMELLSTGKMHGYTRMYWA
KKILEWSESPEKALEIAICLNDRYELDGRDPNGYAGIAWSIGGVHDRAWGEREVTGKIRYMSYEGCKRKFDVKLYIEKYS
AL
;
A,B
2 'polydeoxyribonucleotide' (DT)(DC)(DG)(DG)(DC)(TTD)(DC)(DG)(DC)(DG)(DC)(DA) C,E
3 'polydeoxyribonucleotide' (DT)(DG)(DC)(DG)(DC)(DG)(DA)(DA)(DG)(DC)(DC)(DG)(DA)(DT) D,F
#
loop_
_chem_comp.id
_chem_comp.type
_chem_comp.name
_chem_comp.formula
DA DNA linking 2'-DEOXYADENOSINE-5'-MONOPHOSPHATE 'C10 H14 N5 O6 P'
DC DNA linking 2'-DEOXYCYTIDINE-5'-MONOPHOSPHATE 'C9 H14 N3 O7 P'
DG DNA linking 2'-DEOXYGUANOSINE-5'-MONOPHOSPHATE 'C10 H14 N5 O7 P'
DT DNA linking THYMIDINE-5'-MONOPHOSPHATE 'C10 H15 N2 O8 P'
FAD non-polymer 'FLAVIN-ADENINE DINUCLEOTIDE' 'C27 H33 N9 O15 P2'
SO4 non-polymer 'SULFATE ION' 'O4 S -2'
TTD DNA linking 'CIS-SYN CYCLOBUTANE THYMINE DIMER' 'C20 H28 N4 O15 P2'
#
# COMPACT_ATOMS: atom_id res chain seq x y z
N PRO A 16 -11.40 -40.54 5.14
CA PRO A 16 -11.75 -41.30 6.34
C PRO A 16 -13.23 -41.69 6.37
N ARG A 17 -13.56 -42.87 5.84
CA ARG A 17 -14.96 -43.38 5.84
C ARG A 17 -15.77 -42.67 4.76
N GLY A 18 -16.97 -43.17 4.46
CA GLY A 18 -17.85 -42.46 3.52
C GLY A 18 -18.09 -43.20 2.23
N SER A 19 -19.31 -43.08 1.68
CA SER A 19 -19.63 -43.70 0.41
C SER A 19 -19.78 -42.69 -0.71
N HIS A 20 -20.53 -41.61 -0.48
CA HIS A 20 -20.60 -40.46 -1.38
C HIS A 20 -19.55 -39.40 -1.01
N MET A 21 -18.37 -39.85 -0.57
CA MET A 21 -17.39 -39.00 0.09
C MET A 21 -16.03 -39.24 -0.55
N ASN A 22 -15.62 -38.34 -1.44
CA ASN A 22 -14.37 -38.50 -2.16
C ASN A 22 -13.20 -38.05 -1.28
N PRO A 23 -12.29 -38.96 -0.89
CA PRO A 23 -11.23 -38.58 0.05
C PRO A 23 -10.24 -37.58 -0.49
N LYS A 24 -10.23 -37.33 -1.80
CA LYS A 24 -9.35 -36.29 -2.35
C LYS A 24 -9.79 -34.88 -1.97
N ARG A 25 -11.01 -34.72 -1.43
CA ARG A 25 -11.45 -33.41 -0.97
C ARG A 25 -10.86 -33.03 0.38
N ILE A 26 -10.30 -33.99 1.11
CA ILE A 26 -9.79 -33.78 2.46
C ILE A 26 -8.31 -34.15 2.49
N ARG A 27 -7.53 -33.38 3.23
CA ARG A 27 -6.12 -33.67 3.41
C ARG A 27 -5.72 -33.37 4.85
N ALA A 28 -4.74 -34.12 5.34
CA ALA A 28 -4.32 -33.99 6.72
C ALA A 28 -3.34 -32.83 6.88
N LEU A 29 -3.60 -31.97 7.87
CA LEU A 29 -2.68 -30.91 8.24
C LEU A 29 -1.78 -31.28 9.41
N LYS A 30 -2.21 -32.22 10.25
CA LYS A 30 -1.43 -32.64 11.40
C LYS A 30 -1.89 -34.02 11.82
N SER A 31 -0.96 -34.96 11.91
CA SER A 31 -1.26 -36.28 12.43
C SER A 31 -1.39 -36.23 13.96
N GLY A 32 -2.01 -37.25 14.51
CA GLY A 32 -2.14 -37.32 15.95
C GLY A 32 -3.10 -38.41 16.36
N LYS A 33 -3.22 -38.58 17.67
CA LYS A 33 -4.13 -39.54 18.26
C LYS A 33 -5.50 -38.91 18.39
N GLN A 34 -6.51 -39.53 17.78
CA GLN A 34 -7.87 -39.02 17.83
C GLN A 34 -8.41 -39.11 19.25
N GLY A 35 -8.70 -37.95 19.83
CA GLY A 35 -9.26 -37.89 21.18
C GLY A 35 -10.67 -38.46 21.24
N ASP A 36 -11.17 -38.57 22.46
CA ASP A 36 -12.49 -39.12 22.72
C ASP A 36 -13.58 -38.07 22.73
N GLY A 37 -13.26 -36.83 22.38
CA GLY A 37 -14.24 -35.76 22.39
C GLY A 37 -14.92 -35.54 21.06
N PRO A 38 -15.66 -34.44 20.95
CA PRO A 38 -16.44 -34.18 19.73
C PRO A 38 -15.55 -33.70 18.59
N VAL A 39 -16.04 -33.90 17.38
CA VAL A 39 -15.40 -33.36 16.19
C VAL A 39 -15.79 -31.89 16.07
N VAL A 40 -14.78 -31.04 15.88
CA VAL A 40 -14.96 -29.59 15.83
C VAL A 40 -14.68 -29.14 14.40
N TYR A 41 -15.68 -28.50 13.79
CA TYR A 41 -15.54 -27.89 12.48
C TYR A 41 -15.27 -26.41 12.70
N TRP A 42 -14.02 -26.00 12.47
CA TRP A 42 -13.62 -24.59 12.47
C TRP A 42 -14.05 -23.99 11.14
N MET A 43 -15.22 -23.37 11.15
CA MET A 43 -15.81 -22.79 9.95
C MET A 43 -15.28 -21.39 9.72
N SER A 44 -14.93 -21.08 8.47
CA SER A 44 -14.33 -19.79 8.16
C SER A 44 -14.81 -19.23 6.83
N ARG A 45 -14.54 -19.95 5.73
CA ARG A 45 -14.87 -19.48 4.40
C ARG A 45 -16.26 -19.89 3.95
N ASP A 46 -16.76 -21.02 4.41
CA ASP A 46 -17.98 -21.58 3.84
C ASP A 46 -19.06 -21.56 4.91
N GLN A 47 -19.73 -20.40 5.00
CA GLN A 47 -20.68 -20.12 6.06
C GLN A 47 -22.08 -20.54 5.62
N ARG A 48 -22.26 -21.86 5.57
CA ARG A 48 -23.54 -22.44 5.19
C ARG A 48 -23.65 -23.83 5.82
N ALA A 49 -24.89 -24.31 5.95
CA ALA A 49 -25.18 -25.64 6.46
C ALA A 49 -25.41 -26.68 5.39
N GLU A 50 -26.00 -26.30 4.25
CA GLU A 50 -26.20 -27.22 3.15
C GLU A 50 -25.03 -27.16 2.18
N ASP A 51 -24.83 -28.26 1.44
CA ASP A 51 -23.86 -28.31 0.35
C ASP A 51 -22.46 -27.89 0.82
N ASN A 52 -22.06 -28.43 1.98
CA ASN A 52 -20.80 -28.04 2.61
C ASN A 52 -19.98 -29.31 2.88
N TRP A 53 -19.00 -29.58 2.02
CA TRP A 53 -18.18 -30.78 2.18
C TRP A 53 -17.46 -30.81 3.52
N ALA A 54 -16.99 -29.66 4.00
CA ALA A 54 -16.29 -29.61 5.28
C ALA A 54 -17.21 -30.03 6.43
N LEU A 55 -18.45 -29.53 6.43
CA LEU A 55 -19.39 -29.95 7.46
C LEU A 55 -19.83 -31.40 7.27
N LEU A 56 -19.95 -31.84 6.01
CA LEU A 56 -20.33 -33.23 5.75
C LEU A 56 -19.23 -34.19 6.18
N PHE A 57 -17.97 -33.87 5.85
CA PHE A 57 -16.86 -34.70 6.30
C PHE A 57 -16.75 -34.70 7.83
N SER A 58 -17.01 -33.55 8.46
CA SER A 58 -16.97 -33.48 9.92
C SER A 58 -18.04 -34.37 10.53
N ARG A 59 -19.23 -34.41 9.91
CA ARG A 59 -20.30 -35.25 10.44
C ARG A 59 -19.98 -36.73 10.26
N ALA A 60 -19.38 -37.10 9.14
CA ALA A 60 -19.04 -38.51 8.90
C ALA A 60 -17.96 -39.00 9.86
N ILE A 61 -16.97 -38.15 10.15
CA ILE A 61 -15.95 -38.54 11.12
C ILE A 61 -16.57 -38.68 12.52
N ALA A 62 -17.47 -37.76 12.87
CA ALA A 62 -18.13 -37.85 14.16
C ALA A 62 -19.01 -39.10 14.27
N LYS A 63 -19.62 -39.51 13.15
CA LYS A 63 -20.46 -40.71 13.16
C LYS A 63 -19.61 -41.96 13.35
N GLU A 64 -18.42 -42.01 12.74
CA GLU A 64 -17.54 -43.16 12.89
C GLU A 64 -16.99 -43.26 14.32
N ALA A 65 -16.86 -42.14 15.02
CA ALA A 65 -16.34 -42.13 16.38
C ALA A 65 -17.44 -42.09 17.43
N ASN A 66 -18.71 -42.08 17.01
CA ASN A 66 -19.85 -42.03 17.92
C ASN A 66 -19.78 -40.81 18.83
N VAL A 67 -19.46 -39.66 18.24
CA VAL A 67 -19.38 -38.39 18.97
C VAL A 67 -20.19 -37.35 18.21
N PRO A 68 -20.56 -36.25 18.86
CA PRO A 68 -21.27 -35.19 18.14
C PRO A 68 -20.31 -34.28 17.38
N VAL A 69 -20.87 -33.56 16.42
CA VAL A 69 -20.14 -32.55 15.67
C VAL A 69 -20.59 -31.18 16.16
N VAL A 70 -19.63 -30.27 16.30
CA VAL A 70 -19.90 -28.90 16.70
C VAL A 70 -19.21 -27.97 15.72
N VAL A 71 -19.75 -26.76 15.59
CA VAL A 71 -19.22 -25.73 14.69
C VAL A 71 -18.70 -24.58 15.54
N VAL A 72 -17.51 -24.10 15.21
CA VAL A 72 -16.93 -22.94 15.86
C VAL A 72 -16.55 -21.92 14.79
N PHE A 73 -16.84 -20.66 15.07
CA PHE A 73 -16.53 -19.54 14.20
C PHE A 73 -15.82 -18.48 15.04
N CYS A 74 -14.70 -17.98 14.54
CA CYS A 74 -13.91 -16.98 15.24
C CYS A 74 -14.03 -15.64 14.52
N LEU A 75 -14.66 -14.67 15.18
CA LEU A 75 -14.77 -13.31 14.67
C LEU A 75 -13.48 -12.56 14.99
N THR A 76 -12.72 -12.20 13.96
CA THR A 76 -11.44 -11.54 14.14
C THR A 76 -11.61 -10.02 14.13
N ASP A 77 -10.48 -9.32 14.26
CA ASP A 77 -10.45 -7.88 14.14
C ASP A 77 -10.39 -7.42 12.69
N GLU A 78 -10.49 -8.34 11.73
CA GLU A 78 -10.37 -8.00 10.32
C GLU A 78 -11.53 -7.15 9.83
N PHE A 79 -12.67 -7.14 10.54
CA PHE A 79 -13.80 -6.33 10.11
C PHE A 79 -13.54 -4.84 10.29
N LEU A 80 -12.57 -4.45 11.12
CA LEU A 80 -12.19 -3.05 11.24
C LEU A 80 -11.60 -2.49 9.95
N GLU A 81 -11.04 -3.36 9.10
CA GLU A 81 -10.38 -2.89 7.85
CA GLU A 81 -10.39 -2.89 7.85
C GLU A 81 -11.39 -2.68 6.69
N ALA A 82 -12.60 -3.16 6.93
CA ALA A 82 -13.64 -2.96 5.91
C ALA A 82 -14.74 -2.07 6.50
N GLY A 83 -15.99 -2.27 6.09
CA GLY A 83 -17.07 -1.39 6.55
C GLY A 83 -18.28 -2.12 7.08
N ILE A 84 -19.31 -1.37 7.43
CA ILE A 84 -20.54 -1.96 7.96
C ILE A 84 -21.22 -2.84 6.91
N ARG A 85 -21.08 -2.49 5.62
CA ARG A 85 -21.77 -3.22 4.56
C ARG A 85 -21.41 -4.70 4.58
N GLN A 86 -20.13 -5.03 4.75
CA GLN A 86 -19.72 -6.43 4.79
C GLN A 86 -20.02 -7.07 6.14
N TYR A 87 -19.84 -6.29 7.21
CA TYR A 87 -20.04 -6.80 8.57
C TYR A 87 -21.49 -7.22 8.78
N GLU A 88 -22.43 -6.34 8.41
CA GLU A 88 -23.84 -6.67 8.55
C GLU A 88 -24.23 -7.84 7.67
N PHE A 89 -23.71 -7.90 6.44
CA PHE A 89 -24.06 -9.01 5.54
C PHE A 89 -23.62 -10.34 6.11
N MET A 90 -22.37 -10.40 6.61
CA MET A 90 -21.88 -11.63 7.21
C MET A 90 -22.65 -11.99 8.46
N LEU A 91 -22.82 -11.02 9.37
CA LEU A 91 -23.41 -11.30 10.68
C LEU A 91 -24.86 -11.75 10.55
N LYS A 92 -25.64 -11.08 9.70
CA LYS A 92 -27.03 -11.49 9.50
C LYS A 92 -27.11 -12.90 8.94
N GLY A 93 -26.19 -13.26 8.05
CA GLY A 93 -26.14 -14.63 7.57
C GLY A 93 -25.81 -15.62 8.67
N LEU A 94 -24.91 -15.24 9.58
CA LEU A 94 -24.53 -16.13 10.66
C LEU A 94 -25.68 -16.35 11.66
N GLN A 95 -26.50 -15.32 11.90
CA GLN A 95 -27.67 -15.50 12.76
C GLN A 95 -28.63 -16.53 12.16
N GLU A 96 -28.91 -16.44 10.86
CA GLU A 96 -29.73 -17.45 10.21
C GLU A 96 -29.07 -18.82 10.27
N LEU A 97 -27.75 -18.88 10.08
CA LEU A 97 -27.05 -20.16 10.11
C LEU A 97 -27.12 -20.81 11.49
N GLU A 98 -27.04 -19.99 12.54
CA GLU A 98 -27.13 -20.51 13.90
C GLU A 98 -28.43 -21.28 14.11
N VAL A 99 -29.54 -20.76 13.58
CA VAL A 99 -30.83 -21.44 13.74
C VAL A 99 -30.87 -22.70 12.88
N SER A 100 -30.34 -22.65 11.67
CA SER A 100 -30.37 -23.83 10.80
C SER A 100 -29.58 -24.98 11.41
N LEU A 101 -28.43 -24.67 12.01
CA LEU A 101 -27.64 -25.73 12.65
C LEU A 101 -28.31 -26.23 13.92
N SER A 102 -29.05 -25.35 14.62
CA SER A 102 -29.79 -25.77 15.79
C SER A 102 -30.90 -26.76 15.44
N ARG A 103 -31.54 -26.57 14.27
CA ARG A 103 -32.58 -27.51 13.86
C ARG A 103 -32.02 -28.90 13.62
N LYS A 104 -30.75 -28.99 13.25
CA LYS A 104 -30.08 -30.27 13.07
C LYS A 104 -29.30 -30.71 14.32
N LYS A 105 -29.60 -30.10 15.47
CA LYS A 105 -28.95 -30.42 16.74
C LYS A 105 -27.44 -30.24 16.67
N ILE A 106 -26.98 -29.28 15.89
CA ILE A 106 -25.57 -28.96 15.79
C ILE A 106 -25.35 -27.62 16.47
N PRO A 107 -24.68 -27.56 17.62
CA PRO A 107 -24.44 -26.28 18.26
C PRO A 107 -23.26 -25.54 17.63
N SER A 108 -23.37 -24.22 17.62
CA SER A 108 -22.35 -23.36 17.06
C SER A 108 -21.83 -22.43 18.15
N PHE A 109 -20.51 -22.25 18.17
CA PHE A 109 -19.84 -21.40 19.14
C PHE A 109 -19.12 -20.29 18.39
N PHE A 110 -19.33 -19.05 18.84
CA PHE A 110 -18.78 -17.87 18.18
C PHE A 110 -17.77 -17.23 19.12
N LEU A 111 -16.51 -17.28 18.73
CA LEU A 111 -15.42 -16.70 19.50
C LEU A 111 -14.99 -15.36 18.91
N ARG A 112 -14.32 -14.57 19.73
CA ARG A 112 -13.81 -13.27 19.32
C ARG A 112 -12.33 -13.18 19.68
N GLY A 113 -11.49 -12.88 18.70
CA GLY A 113 -10.07 -12.72 18.94
C GLY A 113 -9.26 -13.39 17.85
N ASP A 114 -7.98 -13.59 18.15
CA ASP A 114 -7.06 -14.22 17.21
C ASP A 114 -7.37 -15.71 17.10
N PRO A 115 -7.63 -16.23 15.90
CA PRO A 115 -7.89 -17.68 15.78
C PRO A 115 -6.75 -18.54 16.28
N GLY A 116 -5.50 -18.08 16.12
CA GLY A 116 -4.37 -18.86 16.58
C GLY A 116 -4.40 -19.15 18.06
N GLU A 117 -4.93 -18.21 18.85
CA GLU A 117 -5.07 -18.40 20.28
C GLU A 117 -6.43 -18.96 20.69
N LYS A 118 -7.53 -18.50 20.06
CA LYS A 118 -8.84 -18.90 20.53
C LYS A 118 -9.19 -20.33 20.13
N ILE A 119 -8.81 -20.74 18.92
CA ILE A 119 -9.14 -22.08 18.45
C ILE A 119 -8.38 -23.12 19.26
N SER A 120 -7.11 -22.86 19.56
CA SER A 120 -6.34 -23.79 20.39
C SER A 120 -6.92 -23.89 21.79
N ARG A 121 -7.31 -22.74 22.38
CA ARG A 121 -7.91 -22.77 23.71
C ARG A 121 -9.25 -23.48 23.69
N PHE A 122 -10.03 -23.30 22.62
CA PHE A 122 -11.33 -23.97 22.53
C PHE A 122 -11.17 -25.49 22.42
N VAL A 123 -10.13 -25.94 21.70
CA VAL A 123 -9.92 -27.37 21.53
C VAL A 123 -9.59 -28.03 22.87
N LYS A 124 -8.79 -27.36 23.70
CA LYS A 124 -8.42 -27.93 24.99
C LYS A 124 -9.57 -27.85 25.97
N ASP A 125 -10.23 -26.69 26.05
CA ASP A 125 -11.31 -26.51 27.02
C ASP A 125 -12.51 -27.39 26.71
N TYR A 126 -12.73 -27.70 25.44
CA TYR A 126 -13.84 -28.54 25.03
C TYR A 126 -13.44 -30.00 24.83
N ASN A 127 -12.16 -30.33 25.02
CA ASN A 127 -11.65 -31.69 24.89
C ASN A 127 -11.98 -32.29 23.54
N ALA A 128 -11.70 -31.53 22.48
CA ALA A 128 -12.01 -31.96 21.12
C ALA A 128 -11.18 -33.17 20.73
N GLY A 129 -11.77 -34.02 19.90
CA GLY A 129 -11.08 -35.22 19.45
C GLY A 129 -10.51 -35.11 18.05
N THR A 130 -11.10 -34.23 17.24
CA THR A 130 -10.70 -34.03 15.86
C THR A 130 -11.08 -32.62 15.43
N LEU A 131 -10.18 -31.95 14.71
CA LEU A 131 -10.41 -30.59 14.23
C LEU A 131 -10.45 -30.60 12.71
N VAL A 132 -11.45 -29.91 12.14
CA VAL A 132 -11.61 -29.78 10.70
C VAL A 132 -11.87 -28.32 10.39
N THR A 133 -11.24 -27.82 9.33
CA THR A 133 -11.53 -26.48 8.81
C THR A 133 -11.71 -26.56 7.30
N ASP A 134 -12.28 -25.50 6.73
CA ASP A 134 -12.41 -25.40 5.28
C ASP A 134 -11.16 -24.71 4.72
N PHE A 135 -11.10 -24.60 3.39
CA PHE A 135 -9.88 -24.22 2.69
C PHE A 135 -10.00 -22.79 2.16
N SER A 136 -8.96 -21.99 2.40
CA SER A 136 -8.80 -20.68 1.81
C SER A 136 -7.32 -20.53 1.48
N PRO A 137 -6.98 -20.03 0.29
CA PRO A 137 -5.57 -19.80 -0.05
C PRO A 137 -5.01 -18.47 0.42
N LEU A 138 -5.80 -17.66 1.12
CA LEU A 138 -5.31 -16.37 1.57
C LEU A 138 -4.23 -16.55 2.65
N ARG A 139 -3.28 -15.61 2.66
CA ARG A 139 -2.12 -15.69 3.54
CA ARG A 139 -2.12 -15.71 3.53
C ARG A 139 -2.54 -15.82 5.00
N ILE A 140 -3.45 -14.96 5.45
CA ILE A 140 -3.79 -14.91 6.87
C ILE A 140 -4.32 -16.26 7.37
N LYS A 141 -5.00 -17.02 6.51
CA LYS A 141 -5.54 -18.30 6.95
C LYS A 141 -4.41 -19.32 7.18
N ASN A 142 -3.37 -19.28 6.34
CA ASN A 142 -2.24 -20.17 6.53
C ASN A 142 -1.51 -19.86 7.82
N GLN A 143 -1.45 -18.59 8.20
CA GLN A 143 -0.80 -18.20 9.44
C GLN A 143 -1.54 -18.75 10.66
N TRP A 144 -2.88 -18.60 10.68
CA TRP A 144 -3.67 -19.15 11.77
C TRP A 144 -3.51 -20.66 11.85
N ILE A 145 -3.47 -21.34 10.71
CA ILE A 145 -3.39 -22.79 10.70
C ILE A 145 -2.07 -23.25 11.30
N GLU A 146 -0.97 -22.57 10.97
CA GLU A 146 0.33 -22.94 11.54
C GLU A 146 0.33 -22.71 13.05
N LYS A 147 -0.29 -21.61 13.50
CA LYS A 147 -0.36 -21.35 14.94
C LYS A 147 -1.19 -22.41 15.66
N VAL A 148 -2.28 -22.86 15.05
CA VAL A 148 -3.14 -23.85 15.68
C VAL A 148 -2.44 -25.20 15.74
N ILE A 149 -1.73 -25.56 14.67
CA ILE A 149 -0.99 -26.82 14.65
C ILE A 149 0.00 -26.90 15.82
N SER A 150 0.66 -25.78 16.12
CA SER A 150 1.62 -25.75 17.21
CA SER A 150 1.62 -25.75 17.21
C SER A 150 0.97 -25.75 18.59
N GLY A 151 -0.35 -25.58 18.67
CA GLY A 151 -1.02 -25.53 19.96
C GLY A 151 -1.96 -26.67 20.27
N ILE A 152 -2.08 -27.65 19.38
CA ILE A 152 -2.98 -28.78 19.59
C ILE A 152 -2.20 -30.07 19.44
N SER A 153 -2.80 -31.15 19.94
CA SER A 153 -2.23 -32.48 19.83
C SER A 153 -3.18 -33.48 19.16
N ILE A 154 -4.33 -33.02 18.68
CA ILE A 154 -5.33 -33.88 18.05
C ILE A 154 -5.17 -33.79 16.54
N PRO A 155 -5.73 -34.71 15.75
CA PRO A 155 -5.60 -34.60 14.30
C PRO A 155 -6.30 -33.36 13.77
N PHE A 156 -5.75 -32.81 12.69
CA PHE A 156 -6.23 -31.57 12.09
C PHE A 156 -6.38 -31.80 10.59
N PHE A 157 -7.60 -31.70 10.09
CA PHE A 157 -7.88 -31.90 8.68
C PHE A 157 -8.37 -30.60 8.03
N GLU A 158 -8.20 -30.54 6.72
CA GLU A 158 -8.65 -29.41 5.91
C GLU A 158 -9.47 -29.95 4.74
N VAL A 159 -10.63 -29.35 4.48
CA VAL A 159 -11.51 -29.80 3.41
C VAL A 159 -11.78 -28.63 2.47
N ASP A 160 -11.64 -28.87 1.17
CA ASP A 160 -12.00 -27.86 0.19
C ASP A 160 -13.51 -27.93 -0.04
N ALA A 161 -14.25 -27.00 0.56
CA ALA A 161 -15.69 -26.90 0.38
C ALA A 161 -16.08 -25.79 -0.59
N HIS A 162 -15.10 -25.06 -1.14
CA HIS A 162 -15.41 -23.89 -1.96
C HIS A 162 -15.28 -24.14 -3.45
N ASN A 163 -14.33 -24.99 -3.86
CA ASN A 163 -14.12 -25.32 -5.26
C ASN A 163 -14.76 -26.67 -5.60
N VAL A 164 -15.24 -26.79 -6.83
CA VAL A 164 -15.80 -28.06 -7.27
C VAL A 164 -14.71 -29.12 -7.32
N VAL A 165 -13.54 -28.76 -7.82
CA VAL A 165 -12.36 -29.62 -7.83
C VAL A 165 -11.42 -29.12 -6.75
N PRO A 166 -10.96 -29.96 -5.83
CA PRO A 166 -10.05 -29.49 -4.78
C PRO A 166 -8.87 -28.74 -5.37
N CYS A 167 -8.58 -27.57 -4.79
CA CYS A 167 -7.57 -26.69 -5.34
C CYS A 167 -6.24 -27.42 -5.54
N TRP A 168 -5.82 -28.23 -4.56
CA TRP A 168 -4.55 -28.95 -4.70
C TRP A 168 -4.64 -30.11 -5.68
N GLU A 169 -5.83 -30.49 -6.14
CA GLU A 169 -6.00 -31.55 -7.11
C GLU A 169 -6.10 -31.05 -8.55
N ALA A 170 -6.69 -29.87 -8.76
CA ALA A 170 -6.88 -29.37 -10.11
C ALA A 170 -5.55 -29.14 -10.81
N SER A 171 -4.54 -28.70 -10.07
CA SER A 171 -3.23 -28.43 -10.63
C SER A 171 -2.23 -28.37 -9.49
N GLN A 172 -0.99 -28.72 -9.80
CA GLN A 172 0.10 -28.70 -8.84
C GLN A 172 1.00 -27.48 -8.97
N LYS A 173 0.68 -26.57 -9.89
CA LYS A 173 1.52 -25.39 -10.10
C LYS A 173 0.64 -24.20 -10.46
N HIS A 174 1.28 -23.02 -10.48
CA HIS A 174 0.63 -21.82 -10.97
C HIS A 174 0.29 -22.00 -12.45
N GLU A 175 -0.97 -21.74 -12.81
CA GLU A 175 -1.43 -21.85 -14.18
C GLU A 175 -1.26 -20.51 -14.88
N TYR A 176 -0.59 -20.54 -16.05
CA TYR A 176 -0.26 -19.31 -16.75
C TYR A 176 -1.49 -18.67 -17.38
N ALA A 177 -2.40 -19.47 -17.91
CA ALA A 177 -3.57 -18.93 -18.59
C ALA A 177 -4.75 -19.86 -18.37
N ALA A 178 -5.95 -19.32 -18.63
CA ALA A 178 -7.15 -20.13 -18.54
C ALA A 178 -7.17 -21.24 -19.57
N HIS A 179 -6.58 -21.02 -20.75
CA HIS A 179 -6.63 -22.04 -21.80
C HIS A 179 -5.75 -23.24 -21.46
N THR A 180 -4.76 -23.09 -20.58
CA THR A 180 -4.05 -24.26 -20.07
C THR A 180 -4.74 -24.89 -18.86
N PHE A 181 -5.42 -24.09 -18.05
CA PHE A 181 -6.15 -24.63 -16.90
C PHE A 181 -7.44 -25.32 -17.32
N ARG A 182 -8.10 -24.83 -18.38
CA ARG A 182 -9.41 -25.35 -18.77
C ARG A 182 -9.42 -26.85 -19.03
N PRO A 183 -8.51 -27.43 -19.81
CA PRO A 183 -8.58 -28.89 -20.00
C PRO A 183 -8.32 -29.68 -18.73
N LYS A 184 -7.46 -29.19 -17.85
CA LYS A 184 -7.21 -29.90 -16.59
C LYS A 184 -8.46 -29.91 -15.72
N LEU A 185 -9.15 -28.78 -15.62
CA LEU A 185 -10.33 -28.71 -14.77
C LEU A 185 -11.46 -29.56 -15.34
N TYR A 186 -11.75 -29.42 -16.64
CA TYR A 186 -12.90 -30.11 -17.23
C TYR A 186 -12.69 -31.61 -17.30
N ALA A 187 -11.44 -32.08 -17.32
CA ALA A 187 -11.20 -33.52 -17.28
C ALA A 187 -11.55 -34.13 -15.94
N LEU A 188 -11.54 -33.33 -14.87
CA LEU A 188 -11.84 -33.83 -13.53
C LEU A 188 -13.29 -33.61 -13.13
N LEU A 189 -14.07 -32.88 -13.94
CA LEU A 189 -15.49 -32.68 -13.64
C LEU A 189 -16.28 -33.98 -13.49
N PRO A 190 -16.14 -34.99 -14.36
CA PRO A 190 -16.95 -36.21 -14.17
C PRO A 190 -16.74 -36.89 -12.83
N GLU A 191 -15.58 -36.71 -12.21
CA GLU A 191 -15.33 -37.31 -10.91
C GLU A 191 -15.82 -36.45 -9.75
N PHE A 192 -15.61 -35.14 -9.83
CA PHE A 192 -15.84 -34.26 -8.69
C PHE A 192 -17.16 -33.51 -8.72
N LEU A 193 -17.80 -33.40 -9.88
CA LEU A 193 -19.14 -32.80 -9.92
C LEU A 193 -20.16 -33.87 -9.57
N GLU A 194 -20.73 -33.78 -8.37
CA GLU A 194 -21.64 -34.78 -7.87
C GLU A 194 -22.66 -34.12 -6.96
N GLU A 195 -23.72 -34.86 -6.65
CA GLU A 195 -24.75 -34.39 -5.74
C GLU A 195 -24.25 -34.43 -4.30
N PHE A 196 -24.83 -33.56 -3.48
CA PHE A 196 -24.45 -33.54 -2.07
C PHE A 196 -25.37 -34.47 -1.29
N PRO A 197 -24.82 -35.28 -0.38
CA PRO A 197 -25.68 -35.99 0.57
C PRO A 197 -26.24 -35.03 1.60
N GLU A 198 -27.29 -35.48 2.29
CA GLU A 198 -27.95 -34.65 3.28
C GLU A 198 -27.14 -34.59 4.56
N LEU A 199 -27.16 -33.44 5.23
CA LEU A 199 -26.49 -33.31 6.52
C LEU A 199 -27.31 -34.04 7.59
N GLU A 200 -26.77 -35.14 8.09
CA GLU A 200 -27.44 -35.90 9.14
C GLU A 200 -27.38 -35.16 10.47
N PRO A 201 -28.48 -35.00 11.19
CA PRO A 201 -28.43 -34.36 12.50
C PRO A 201 -27.61 -35.16 13.49
N ASN A 202 -27.17 -34.47 14.53
CA ASN A 202 -26.44 -35.13 15.61
C ASN A 202 -27.36 -36.11 16.35
N SER A 203 -26.77 -37.18 16.85
CA SER A 203 -27.54 -38.17 17.65
C SER A 203 -27.27 -37.84 19.11
N VAL A 204 -26.00 -37.82 19.50
CA VAL A 204 -25.62 -37.43 20.89
C VAL A 204 -26.09 -35.98 21.10
N THR A 205 -26.59 -35.64 22.28
CA THR A 205 -27.18 -34.30 22.51
C THR A 205 -26.13 -33.19 22.42
N PRO A 206 -25.09 -33.14 23.27
CA PRO A 206 -24.16 -32.01 23.28
C PRO A 206 -23.59 -31.79 21.87
N GLU A 216 -20.88 -16.59 22.36
CA GLU A 216 -21.21 -15.19 22.59
C GLU A 216 -22.41 -14.80 21.72
N THR A 217 -23.28 -13.95 22.25
CA THR A 217 -24.51 -13.58 21.54
C THR A 217 -24.16 -12.77 20.30
N LEU A 218 -24.61 -13.24 19.13
CA LEU A 218 -24.30 -12.55 17.89
C LEU A 218 -24.94 -11.16 17.84
N SER A 219 -26.09 -10.99 18.48
CA SER A 219 -26.71 -9.66 18.53
C SER A 219 -25.81 -8.64 19.20
N ASP A 220 -25.05 -9.05 20.22
CA ASP A 220 -24.14 -8.12 20.90
C ASP A 220 -22.91 -7.82 20.05
N VAL A 221 -22.37 -8.83 19.35
CA VAL A 221 -21.24 -8.60 18.47
C VAL A 221 -21.65 -7.69 17.31
N LEU A 222 -22.88 -7.81 16.84
CA LEU A 222 -23.33 -6.95 15.74
C LEU A 222 -23.39 -5.49 16.17
N GLU A 223 -23.95 -5.22 17.36
CA GLU A 223 -24.07 -3.84 17.83
C GLU A 223 -22.71 -3.26 18.18
N THR A 224 -21.83 -4.06 18.79
CA THR A 224 -20.51 -3.56 19.18
C THR A 224 -19.65 -3.24 17.96
N GLY A 225 -19.71 -4.10 16.93
CA GLY A 225 -18.91 -3.85 15.74
C GLY A 225 -19.42 -2.68 14.92
N VAL A 226 -20.74 -2.55 14.80
CA VAL A 226 -21.32 -1.44 14.06
C VAL A 226 -20.92 -0.11 14.71
N LYS A 227 -21.04 -0.03 16.03
CA LYS A 227 -20.66 1.20 16.74
C LYS A 227 -19.20 1.55 16.51
N ALA A 228 -18.34 0.54 16.32
CA ALA A 228 -16.93 0.80 16.07
C ALA A 228 -16.70 1.32 14.64
N LEU A 229 -17.43 0.76 13.66
CA LEU A 229 -17.24 1.12 12.26
C LEU A 229 -18.02 2.37 11.85
N LEU A 230 -18.89 2.89 12.72
CA LEU A 230 -19.73 4.02 12.35
C LEU A 230 -18.96 5.27 11.90
N PRO A 231 -17.88 5.69 12.59
CA PRO A 231 -17.16 6.89 12.11
C PRO A 231 -16.51 6.72 10.74
N GLU A 232 -16.27 5.49 10.29
CA GLU A 232 -15.63 5.24 9.01
C GLU A 232 -16.64 5.05 7.87
N ARG A 233 -17.91 5.34 8.12
CA ARG A 233 -18.95 5.09 7.13
C ARG A 233 -18.82 6.04 5.94
N ALA A 234 -19.20 5.54 4.76
CA ALA A 234 -19.22 6.36 3.56
C ALA A 234 -20.50 7.19 3.54
N LEU A 235 -20.35 8.51 3.46
CA LEU A 235 -21.46 9.45 3.58
C LEU A 235 -21.49 10.38 2.38
N LEU A 236 -22.65 10.98 2.15
CA LEU A 236 -22.73 12.03 1.11
C LEU A 236 -22.60 13.38 1.85
N LYS A 237 -22.90 14.48 1.17
CA LYS A 237 -22.81 15.83 1.79
C LYS A 237 -23.77 15.94 2.97
N ASN A 238 -25.02 15.49 2.80
CA ASN A 238 -26.05 15.64 3.87
C ASN A 238 -25.75 14.69 5.02
N LYS A 239 -24.57 14.06 5.01
CA LYS A 239 -24.23 13.08 6.05
C LYS A 239 -25.16 11.88 5.91
N ASP A 240 -25.84 11.77 4.77
CA ASP A 240 -26.64 10.57 4.53
C ASP A 240 -25.75 9.44 4.01
N PRO A 241 -25.95 8.22 4.51
CA PRO A 241 -25.08 7.11 4.09
C PRO A 241 -25.22 6.83 2.60
N LEU A 242 -24.09 6.46 1.97
CA LEU A 242 -24.09 6.14 0.55
C LEU A 242 -24.63 4.74 0.29
N PHE A 243 -24.38 3.79 1.20
CA PHE A 243 -24.68 2.40 0.92
C PHE A 243 -26.18 2.12 0.97
N GLU A 244 -26.66 1.35 0.00
CA GLU A 244 -28.05 0.97 -0.10
C GLU A 244 -28.20 -0.51 0.25
N PRO A 245 -28.61 -0.85 1.46
CA PRO A 245 -28.56 -2.25 1.90
C PRO A 245 -29.69 -3.13 1.38
N TRP A 246 -30.61 -2.62 0.57
CA TRP A 246 -31.76 -3.42 0.17
C TRP A 246 -31.54 -4.19 -1.13
N HIS A 247 -30.39 -4.04 -1.80
CA HIS A 247 -30.20 -4.71 -3.08
C HIS A 247 -29.98 -6.20 -2.91
N PHE A 248 -29.35 -6.64 -1.82
CA PHE A 248 -29.00 -8.04 -1.62
C PHE A 248 -29.37 -8.44 -0.20
N GLU A 249 -30.32 -9.34 -0.07
CA GLU A 249 -30.66 -9.87 1.23
C GLU A 249 -29.67 -10.97 1.61
N PRO A 250 -29.07 -10.93 2.79
CA PRO A 250 -28.07 -11.94 3.15
C PRO A 250 -28.69 -13.23 3.62
N GLY A 251 -27.88 -14.28 3.54
CA GLY A 251 -28.29 -15.56 4.09
C GLY A 251 -28.37 -16.70 3.10
N GLU A 252 -28.36 -17.91 3.64
CA GLU A 252 -28.44 -19.13 2.83
C GLU A 252 -29.77 -19.22 2.08
N LYS A 253 -30.88 -18.84 2.73
CA LYS A 253 -32.18 -18.94 2.08
C LYS A 253 -32.29 -17.94 0.93
N ALA A 254 -31.88 -16.70 1.15
CA ALA A 254 -31.95 -15.69 0.09
C ALA A 254 -31.02 -16.02 -1.07
N ALA A 255 -29.88 -16.66 -0.79
CA ALA A 255 -28.96 -17.04 -1.87
C ALA A 255 -29.61 -18.04 -2.83
N LYS A 256 -30.30 -19.04 -2.27
CA LYS A 256 -31.04 -19.99 -3.12
C LYS A 256 -32.06 -19.27 -4.00
N LYS A 257 -32.77 -18.27 -3.45
CA LYS A 257 -33.75 -17.52 -4.25
C LYS A 257 -33.06 -16.78 -5.39
N VAL A 258 -31.91 -16.17 -5.13
CA VAL A 258 -31.19 -15.48 -6.20
C VAL A 258 -30.79 -16.45 -7.30
N MET A 259 -30.27 -17.63 -6.91
CA MET A 259 -29.87 -18.62 -7.91
C MET A 259 -31.05 -19.07 -8.76
N GLU A 260 -32.19 -19.31 -8.11
CA GLU A 260 -33.37 -19.77 -8.85
C GLU A 260 -33.84 -18.72 -9.85
N SER A 261 -33.90 -17.44 -9.46
CA SER A 261 -34.32 -16.41 -10.40
C SER A 261 -33.34 -16.25 -11.55
N PHE A 262 -32.04 -16.46 -11.30
CA PHE A 262 -31.05 -16.36 -12.37
C PHE A 262 -31.31 -17.43 -13.44
N ILE A 263 -31.52 -18.66 -13.01
CA ILE A 263 -31.72 -19.77 -13.95
C ILE A 263 -33.01 -19.58 -14.73
N ALA A 264 -34.06 -19.07 -14.07
CA ALA A 264 -35.36 -18.95 -14.73
C ALA A 264 -35.45 -17.72 -15.62
N ASP A 265 -34.86 -16.60 -15.20
CA ASP A 265 -35.08 -15.33 -15.89
C ASP A 265 -33.87 -14.78 -16.60
N ARG A 266 -32.66 -15.06 -16.16
CA ARG A 266 -31.49 -14.37 -16.69
C ARG A 266 -30.51 -15.26 -17.42
N LEU A 267 -30.43 -16.54 -17.07
CA LEU A 267 -29.43 -17.43 -17.67
C LEU A 267 -29.51 -17.46 -19.19
N ASP A 268 -30.72 -17.39 -19.75
CA ASP A 268 -30.87 -17.48 -21.20
C ASP A 268 -30.12 -16.36 -21.92
N SER A 269 -30.23 -15.13 -21.43
CA SER A 269 -29.62 -13.98 -22.06
C SER A 269 -28.22 -13.69 -21.54
N TYR A 270 -27.69 -14.54 -20.65
CA TYR A 270 -26.42 -14.26 -20.01
C TYR A 270 -25.29 -14.15 -21.02
N GLY A 271 -25.22 -15.09 -21.97
CA GLY A 271 -24.13 -15.07 -22.94
C GLY A 271 -24.06 -13.80 -23.76
N ALA A 272 -25.21 -13.21 -24.10
CA ALA A 272 -25.23 -12.02 -24.94
C ALA A 272 -25.10 -10.71 -24.16
N LEU A 273 -25.57 -10.66 -22.91
CA LEU A 273 -25.68 -9.40 -22.19
C LEU A 273 -24.77 -9.35 -20.96
N ARG A 274 -23.87 -10.32 -20.81
CA ARG A 274 -23.05 -10.36 -19.61
CA ARG A 274 -22.99 -10.39 -19.65
C ARG A 274 -22.14 -9.14 -19.50
N ASN A 275 -21.77 -8.53 -20.61
CA ASN A 275 -20.86 -7.39 -20.63
C ASN A 275 -21.58 -6.06 -20.85
N ASP A 276 -22.90 -6.02 -20.62
CA ASP A 276 -23.68 -4.79 -20.72
C ASP A 276 -24.10 -4.35 -19.32
N PRO A 277 -23.43 -3.37 -18.72
CA PRO A 277 -23.79 -2.96 -17.35
C PRO A 277 -25.13 -2.25 -17.24
N THR A 278 -25.76 -1.85 -18.35
CA THR A 278 -27.09 -1.25 -18.27
C THR A 278 -28.20 -2.28 -18.07
N LYS A 279 -27.89 -3.57 -18.25
CA LYS A 279 -28.86 -4.64 -18.04
C LYS A 279 -28.46 -5.44 -16.81
N ASN A 280 -29.44 -5.69 -15.94
CA ASN A 280 -29.21 -6.54 -14.77
C ASN A 280 -29.39 -7.99 -15.23
N MET A 281 -28.34 -8.52 -15.84
CA MET A 281 -28.40 -9.88 -16.39
C MET A 281 -27.32 -10.79 -15.81
N LEU A 282 -26.56 -10.32 -14.82
CA LEU A 282 -25.64 -11.19 -14.12
C LEU A 282 -26.39 -12.07 -13.11
N SER A 283 -25.69 -13.04 -12.54
CA SER A 283 -26.30 -13.93 -11.57
C SER A 283 -26.49 -13.25 -10.22
N ASN A 284 -25.65 -12.25 -9.91
CA ASN A 284 -25.66 -11.55 -8.63
C ASN A 284 -25.35 -12.47 -7.46
N LEU A 285 -24.59 -13.54 -7.72
CA LEU A 285 -24.28 -14.53 -6.70
C LEU A 285 -23.01 -14.23 -5.91
N SER A 286 -22.16 -13.28 -6.34
CA SER A 286 -20.84 -13.13 -5.74
C SER A 286 -20.86 -12.81 -4.24
N PRO A 287 -21.74 -11.95 -3.71
CA PRO A 287 -21.73 -11.77 -2.25
C PRO A 287 -21.96 -13.07 -1.51
N TYR A 288 -22.91 -13.87 -1.97
CA TYR A 288 -23.19 -15.16 -1.34
C TYR A 288 -22.05 -16.13 -1.56
N LEU A 289 -21.46 -16.14 -2.76
CA LEU A 289 -20.36 -17.05 -3.03
C LEU A 289 -19.15 -16.73 -2.17
N HIS A 290 -18.86 -15.43 -1.99
CA HIS A 290 -17.66 -15.01 -1.26
C HIS A 290 -17.71 -15.47 0.19
N PHE A 291 -18.85 -15.25 0.85
CA PHE A 291 -19.02 -15.66 2.23
C PHE A 291 -19.37 -17.12 2.36
N GLY A 292 -19.51 -17.83 1.24
CA GLY A 292 -19.88 -19.23 1.29
C GLY A 292 -21.30 -19.49 1.73
N GLN A 293 -22.19 -18.51 1.58
CA GLN A 293 -23.60 -18.74 1.91
C GLN A 293 -24.30 -19.61 0.88
N ILE A 294 -23.69 -19.81 -0.29
CA ILE A 294 -24.15 -20.79 -1.27
C ILE A 294 -22.92 -21.45 -1.88
N SER A 295 -23.09 -22.70 -2.31
CA SER A 295 -21.99 -23.46 -2.88
C SER A 295 -21.97 -23.30 -4.39
N SER A 296 -20.78 -23.04 -4.96
CA SER A 296 -20.70 -22.98 -6.42
C SER A 296 -20.95 -24.34 -7.06
N GLN A 297 -20.60 -25.43 -6.38
CA GLN A 297 -20.94 -26.76 -6.89
C GLN A 297 -22.46 -26.91 -7.03
N ARG A 298 -23.22 -26.39 -6.08
CA ARG A 298 -24.68 -26.43 -6.18
C ARG A 298 -25.16 -25.64 -7.40
N VAL A 299 -24.65 -24.42 -7.58
CA VAL A 299 -25.01 -23.62 -8.74
C VAL A 299 -24.67 -24.37 -10.03
N VAL A 300 -23.49 -24.98 -10.09
CA VAL A 300 -23.07 -25.69 -11.31
C VAL A 300 -23.98 -26.87 -11.57
N LEU A 301 -24.36 -27.61 -10.51
CA LEU A 301 -25.29 -28.73 -10.67
C LEU A 301 -26.59 -28.27 -11.32
N GLU A 302 -27.13 -27.15 -10.84
CA GLU A 302 -28.42 -26.68 -11.34
C GLU A 302 -28.31 -26.10 -12.76
N VAL A 303 -27.21 -25.38 -13.04
CA VAL A 303 -27.02 -24.85 -14.39
C VAL A 303 -26.80 -25.98 -15.40
N GLU A 304 -26.08 -27.04 -15.00
CA GLU A 304 -25.86 -28.17 -15.91
C GLU A 304 -27.18 -28.80 -16.34
N LYS A 305 -28.13 -28.89 -15.42
CA LYS A 305 -29.41 -29.53 -15.67
C LYS A 305 -30.45 -28.61 -16.29
N ALA A 306 -30.23 -27.29 -16.26
CA ALA A 306 -31.16 -26.37 -16.89
C ALA A 306 -31.05 -26.46 -18.41
N GLU A 307 -32.20 -26.37 -19.08
CA GLU A 307 -32.26 -26.35 -20.54
C GLU A 307 -32.34 -24.89 -20.98
N SER A 308 -31.21 -24.35 -21.42
CA SER A 308 -31.12 -22.95 -21.79
C SER A 308 -30.23 -22.82 -23.02
N ASN A 309 -30.02 -21.58 -23.45
CA ASN A 309 -29.09 -21.29 -24.54
C ASN A 309 -27.75 -21.96 -24.28
N PRO A 310 -27.29 -22.85 -25.17
CA PRO A 310 -26.01 -23.54 -24.92
C PRO A 310 -24.83 -22.59 -24.79
N GLY A 311 -24.80 -21.53 -25.60
CA GLY A 311 -23.73 -20.57 -25.49
C GLY A 311 -23.75 -19.80 -24.18
N SER A 312 -24.95 -19.57 -23.62
CA SER A 312 -25.04 -18.91 -22.33
C SER A 312 -24.57 -19.82 -21.22
N LYS A 313 -24.95 -21.10 -21.26
CA LYS A 313 -24.50 -22.05 -20.26
C LYS A 313 -22.98 -22.18 -20.27
N LYS A 314 -22.40 -22.32 -21.46
CA LYS A 314 -20.95 -22.45 -21.55
C LYS A 314 -20.25 -21.21 -20.99
N ALA A 315 -20.75 -20.01 -21.35
CA ALA A 315 -20.14 -18.78 -20.86
C ALA A 315 -20.24 -18.67 -19.35
N PHE A 316 -21.40 -19.01 -18.78
CA PHE A 316 -21.54 -18.89 -17.32
C PHE A 316 -20.69 -19.94 -16.61
N LEU A 317 -20.72 -21.19 -17.09
CA LEU A 317 -19.89 -22.23 -16.49
C LEU A 317 -18.41 -21.87 -16.52
N ASP A 318 -17.95 -21.27 -17.63
CA ASP A 318 -16.55 -20.84 -17.69
C ASP A 318 -16.22 -19.83 -16.61
N GLU A 319 -17.19 -18.97 -16.24
CA GLU A 319 -16.92 -17.95 -15.24
C GLU A 319 -16.86 -18.54 -13.85
N ILE A 320 -17.86 -19.35 -13.49
CA ILE A 320 -17.92 -19.84 -12.11
C ILE A 320 -17.02 -21.05 -11.89
N LEU A 321 -16.61 -21.75 -12.94
CA LEU A 321 -15.67 -22.85 -12.79
C LEU A 321 -14.24 -22.39 -13.07
N ILE A 322 -13.96 -22.03 -14.31
CA ILE A 322 -12.57 -21.77 -14.71
C ILE A 322 -12.02 -20.54 -13.99
N TRP A 323 -12.69 -19.40 -14.14
CA TRP A 323 -12.13 -18.15 -13.65
C TRP A 323 -12.17 -18.07 -12.12
N LYS A 324 -13.23 -18.57 -11.50
CA LYS A 324 -13.29 -18.58 -10.03
C LYS A 324 -12.19 -19.47 -9.45
N GLU A 325 -12.07 -20.70 -9.94
CA GLU A 325 -11.14 -21.64 -9.34
C GLU A 325 -9.70 -21.42 -9.80
N ILE A 326 -9.48 -20.75 -10.93
CA ILE A 326 -8.12 -20.35 -11.23
C ILE A 326 -7.67 -19.19 -10.34
N SER A 327 -8.61 -18.43 -9.77
CA SER A 327 -8.25 -17.40 -8.80
C SER A 327 -7.72 -18.02 -7.50
N ASP A 328 -8.34 -19.12 -7.06
CA ASP A 328 -7.78 -19.86 -5.92
C ASP A 328 -6.40 -20.41 -6.27
N ASN A 329 -6.24 -20.94 -7.48
CA ASN A 329 -4.95 -21.42 -7.93
C ASN A 329 -3.90 -20.32 -7.88
N PHE A 330 -4.25 -19.12 -8.35
CA PHE A 330 -3.30 -18.01 -8.33
C PHE A 330 -2.83 -17.70 -6.92
N CYS A 331 -3.78 -17.52 -5.98
CA CYS A 331 -3.39 -17.17 -4.62
C CYS A 331 -2.67 -18.30 -3.92
N TYR A 332 -3.03 -19.55 -4.22
CA TYR A 332 -2.47 -20.67 -3.49
C TYR A 332 -1.02 -20.93 -3.86
N TYR A 333 -0.65 -20.68 -5.12
CA TYR A 333 0.71 -20.94 -5.57
C TYR A 333 1.56 -19.68 -5.68
N ASN A 334 0.98 -18.51 -5.42
CA ASN A 334 1.70 -17.22 -5.43
C ASN A 334 1.37 -16.47 -4.15
N PRO A 335 2.16 -16.65 -3.09
CA PRO A 335 1.85 -15.97 -1.82
C PRO A 335 1.98 -14.45 -1.91
N GLY A 336 2.64 -13.93 -2.94
CA GLY A 336 2.66 -12.50 -3.16
C GLY A 336 1.59 -12.06 -4.14
N TYR A 337 0.41 -12.70 -4.06
CA TYR A 337 -0.64 -12.49 -5.06
C TYR A 337 -1.14 -11.06 -5.11
N ASP A 338 -0.90 -10.24 -4.08
CA ASP A 338 -1.33 -8.85 -4.08
C ASP A 338 -0.17 -7.88 -4.29
N GLY A 339 0.93 -8.34 -4.88
CA GLY A 339 2.08 -7.51 -5.09
C GLY A 339 2.54 -7.53 -6.53
N PHE A 340 3.30 -6.48 -6.88
CA PHE A 340 3.91 -6.35 -8.20
C PHE A 340 4.76 -7.56 -8.57
N GLU A 341 5.37 -8.23 -7.58
CA GLU A 341 6.26 -9.35 -7.85
C GLU A 341 5.54 -10.54 -8.47
N SER A 342 4.24 -10.66 -8.26
CA SER A 342 3.49 -11.78 -8.82
C SER A 342 3.18 -11.62 -10.31
N PHE A 343 3.38 -10.43 -10.88
CA PHE A 343 3.11 -10.21 -12.29
C PHE A 343 4.07 -11.04 -13.15
N PRO A 344 3.67 -11.40 -14.36
CA PRO A 344 4.60 -12.11 -15.25
C PRO A 344 5.74 -11.21 -15.70
N SER A 345 6.85 -11.84 -16.09
CA SER A 345 8.08 -11.09 -16.39
C SER A 345 7.85 -10.04 -17.47
N TRP A 346 7.17 -10.40 -18.56
CA TRP A 346 6.97 -9.45 -19.66
C TRP A 346 6.25 -8.21 -19.18
N ALA A 347 5.27 -8.37 -18.27
CA ALA A 347 4.51 -7.25 -17.76
C ALA A 347 5.34 -6.39 -16.82
N LYS A 348 6.14 -7.02 -15.95
CA LYS A 348 7.02 -6.25 -15.08
C LYS A 348 8.03 -5.44 -15.88
N GLU A 349 8.62 -6.05 -16.91
CA GLU A 349 9.59 -5.32 -17.73
C GLU A 349 8.94 -4.18 -18.48
N SER A 350 7.71 -4.39 -18.97
CA SER A 350 7.00 -3.32 -19.68
C SER A 350 6.66 -2.16 -18.73
N LEU A 351 6.03 -2.47 -17.58
CA LEU A 351 5.64 -1.40 -16.67
C LEU A 351 6.84 -0.68 -16.07
N ASN A 352 7.95 -1.39 -15.85
CA ASN A 352 9.16 -0.73 -15.33
C ASN A 352 9.71 0.28 -16.34
N ALA A 353 9.68 -0.06 -17.62
CA ALA A 353 10.19 0.85 -18.65
C ALA A 353 9.39 2.14 -18.72
N HIS A 354 8.13 2.12 -18.30
CA HIS A 354 7.27 3.27 -18.44
C HIS A 354 7.06 4.03 -17.14
N ARG A 355 7.86 3.73 -16.12
CA ARG A 355 7.69 4.39 -14.83
C ARG A 355 7.90 5.90 -14.91
N ASN A 356 8.73 6.36 -15.84
CA ASN A 356 9.01 7.79 -15.95
C ASN A 356 8.11 8.51 -16.94
N ASP A 357 7.20 7.80 -17.60
CA ASP A 357 6.29 8.47 -18.53
C ASP A 357 5.42 9.46 -17.79
N VAL A 358 5.17 10.61 -18.41
CA VAL A 358 4.26 11.57 -17.82
C VAL A 358 2.85 11.02 -17.91
N ARG A 359 2.15 10.98 -16.78
CA ARG A 359 0.75 10.57 -16.77
C ARG A 359 -0.13 11.74 -17.20
N SER A 360 -1.17 11.44 -17.98
CA SER A 360 -2.11 12.49 -18.37
C SER A 360 -2.82 13.07 -17.15
N HIS A 361 -3.03 12.26 -16.11
CA HIS A 361 -3.68 12.70 -14.89
C HIS A 361 -3.10 11.89 -13.73
N ILE A 362 -3.02 12.52 -12.58
CA ILE A 362 -2.63 11.83 -11.35
C ILE A 362 -3.69 12.12 -10.30
N TYR A 363 -4.28 11.06 -9.76
CA TYR A 363 -5.27 11.20 -8.71
C TYR A 363 -4.78 10.46 -7.48
N THR A 364 -5.12 10.99 -6.31
CA THR A 364 -4.84 10.32 -5.05
C THR A 364 -5.93 9.29 -4.74
N LEU A 365 -5.67 8.47 -3.73
CA LEU A 365 -6.67 7.55 -3.22
C LEU A 365 -7.97 8.27 -2.89
N GLU A 366 -7.88 9.42 -2.24
CA GLU A 366 -9.09 10.13 -1.81
C GLU A 366 -9.89 10.61 -3.02
N GLU A 367 -9.21 11.03 -4.08
CA GLU A 367 -9.90 11.51 -5.26
C GLU A 367 -10.57 10.37 -6.03
N PHE A 368 -9.88 9.24 -6.16
CA PHE A 368 -10.52 8.03 -6.71
C PHE A 368 -11.72 7.62 -5.87
N GLU A 369 -11.55 7.62 -4.54
CA GLU A 369 -12.57 7.08 -3.65
C GLU A 369 -13.87 7.86 -3.76
N ALA A 370 -13.78 9.18 -3.91
CA ALA A 370 -14.95 10.04 -3.97
C ALA A 370 -15.50 10.19 -5.39
N GLY A 371 -14.93 9.49 -6.36
CA GLY A 371 -15.38 9.62 -7.73
C GLY A 371 -15.17 11.00 -8.33
N LYS A 372 -13.99 11.58 -8.11
CA LYS A 372 -13.70 12.95 -8.52
C LYS A 372 -12.67 13.01 -9.64
N THR A 373 -12.78 12.11 -10.63
CA THR A 373 -11.92 12.15 -11.79
C THR A 373 -12.62 12.91 -12.92
N HIS A 374 -11.87 13.11 -14.01
CA HIS A 374 -12.39 13.75 -15.22
C HIS A 374 -13.28 12.83 -16.05
N ASP A 375 -13.28 11.53 -15.77
CA ASP A 375 -13.99 10.57 -16.59
C ASP A 375 -15.35 10.24 -15.98
N PRO A 376 -16.46 10.67 -16.58
CA PRO A 376 -17.77 10.37 -15.98
C PRO A 376 -18.07 8.88 -15.94
N LEU A 377 -17.54 8.10 -16.89
CA LEU A 377 -17.77 6.66 -16.87
C LEU A 377 -17.06 6.02 -15.69
N TRP A 378 -15.81 6.42 -15.43
CA TRP A 378 -15.09 5.93 -14.25
C TRP A 378 -15.81 6.35 -12.97
N ASN A 379 -16.25 7.61 -12.88
CA ASN A 379 -16.93 8.08 -11.68
C ASN A 379 -18.23 7.32 -11.44
N ALA A 380 -18.97 7.03 -12.52
CA ALA A 380 -20.21 6.26 -12.37
C ALA A 380 -19.94 4.86 -11.87
N SER A 381 -18.86 4.22 -12.36
CA SER A 381 -18.46 2.91 -11.84
C SER A 381 -18.17 2.97 -10.36
N GLN A 382 -17.42 4.00 -9.93
CA GLN A 382 -17.13 4.15 -8.51
C GLN A 382 -18.41 4.40 -7.71
N MET A 383 -19.35 5.15 -8.28
CA MET A 383 -20.62 5.41 -7.60
C MET A 383 -21.45 4.15 -7.45
N GLU A 384 -21.45 3.27 -8.46
CA GLU A 384 -22.16 2.00 -8.32
C GLU A 384 -21.55 1.18 -7.21
N LEU A 385 -20.22 1.17 -7.15
CA LEU A 385 -19.51 0.50 -6.07
C LEU A 385 -19.88 1.08 -4.71
N LEU A 386 -19.86 2.41 -4.58
CA LEU A 386 -20.12 3.02 -3.28
C LEU A 386 -21.55 2.79 -2.82
N SER A 387 -22.50 2.86 -3.75
CA SER A 387 -23.92 2.83 -3.41
C SER A 387 -24.50 1.42 -3.32
N THR A 388 -24.04 0.46 -4.13
CA THR A 388 -24.58 -0.89 -4.09
C THR A 388 -23.63 -1.93 -3.53
N GLY A 389 -22.33 -1.64 -3.46
CA GLY A 389 -21.39 -2.64 -3.01
C GLY A 389 -21.11 -3.75 -4.00
N LYS A 390 -21.55 -3.59 -5.25
CA LYS A 390 -21.29 -4.61 -6.27
C LYS A 390 -21.19 -3.89 -7.61
N MET A 391 -19.97 -3.60 -8.05
CA MET A 391 -19.78 -2.99 -9.36
C MET A 391 -19.99 -4.03 -10.44
N HIS A 392 -20.58 -3.62 -11.56
CA HIS A 392 -20.80 -4.56 -12.66
C HIS A 392 -19.47 -5.14 -13.14
N GLY A 393 -19.52 -6.39 -13.59
CA GLY A 393 -18.30 -7.11 -13.89
C GLY A 393 -17.49 -6.49 -15.01
N TYR A 394 -18.16 -5.95 -16.02
CA TYR A 394 -17.44 -5.35 -17.14
C TYR A 394 -16.74 -4.05 -16.71
N THR A 395 -17.41 -3.18 -15.97
CA THR A 395 -16.80 -1.91 -15.59
C THR A 395 -15.71 -2.10 -14.53
N ARG A 396 -15.67 -3.24 -13.88
CA ARG A 396 -14.56 -3.49 -12.93
C ARG A 396 -13.22 -3.54 -13.70
N MET A 397 -13.22 -4.06 -14.93
CA MET A 397 -11.99 -4.05 -15.72
C MET A 397 -11.59 -2.63 -16.10
N TYR A 398 -12.55 -1.84 -16.58
CA TYR A 398 -12.28 -0.46 -16.94
C TYR A 398 -11.84 0.34 -15.71
N TRP A 399 -12.51 0.10 -14.59
CA TRP A 399 -12.24 0.84 -13.35
C TRP A 399 -10.80 0.63 -12.91
N ALA A 400 -10.35 -0.63 -12.90
CA ALA A 400 -9.00 -0.91 -12.40
C ALA A 400 -7.93 -0.47 -13.39
N LYS A 401 -8.21 -0.57 -14.69
CA LYS A 401 -7.21 -0.19 -15.68
C LYS A 401 -6.98 1.32 -15.71
N LYS A 402 -8.02 2.13 -15.43
CA LYS A 402 -7.83 3.58 -15.37
C LYS A 402 -7.07 3.98 -14.11
N ILE A 403 -7.20 3.21 -13.03
CA ILE A 403 -6.39 3.48 -11.85
C ILE A 403 -4.91 3.36 -12.19
N LEU A 404 -4.54 2.35 -12.98
CA LEU A 404 -3.16 2.23 -13.43
C LEU A 404 -2.76 3.42 -14.31
N GLU A 405 -3.68 3.90 -15.15
CA GLU A 405 -3.34 4.95 -16.10
C GLU A 405 -3.16 6.30 -15.42
N TRP A 406 -3.83 6.53 -14.29
CA TRP A 406 -3.86 7.84 -13.65
C TRP A 406 -3.29 7.80 -12.24
N SER A 407 -2.29 6.95 -12.01
CA SER A 407 -1.61 6.87 -10.72
CA SER A 407 -1.60 6.88 -10.72
C SER A 407 -0.11 7.10 -10.92
N GLU A 408 0.55 7.49 -9.82
CA GLU A 408 2.00 7.77 -9.84
C GLU A 408 2.80 6.59 -10.35
N SER A 409 2.45 5.38 -9.96
CA SER A 409 3.32 4.23 -10.20
C SER A 409 2.47 2.97 -10.20
N PRO A 410 2.98 1.87 -10.76
CA PRO A 410 2.21 0.62 -10.74
C PRO A 410 1.93 0.14 -9.33
N GLU A 411 2.86 0.30 -8.40
CA GLU A 411 2.61 -0.13 -7.02
C GLU A 411 1.48 0.65 -6.40
N LYS A 412 1.45 1.97 -6.63
CA LYS A 412 0.38 2.80 -6.08
C LYS A 412 -0.97 2.43 -6.68
N ALA A 413 -1.01 2.16 -8.00
CA ALA A 413 -2.23 1.71 -8.64
C ALA A 413 -2.74 0.42 -8.00
N LEU A 414 -1.85 -0.57 -7.85
CA LEU A 414 -2.21 -1.83 -7.20
C LEU A 414 -2.75 -1.59 -5.80
N GLU A 415 -2.08 -0.74 -5.05
CA GLU A 415 -2.48 -0.43 -3.68
C GLU A 415 -3.84 0.27 -3.64
N ILE A 416 -4.10 1.16 -4.59
CA ILE A 416 -5.36 1.90 -4.58
C ILE A 416 -6.53 0.98 -4.98
N ALA A 417 -6.33 0.17 -6.03
CA ALA A 417 -7.41 -0.70 -6.49
C ALA A 417 -7.77 -1.75 -5.44
N ILE A 418 -6.77 -2.34 -4.78
CA ILE A 418 -7.02 -3.30 -3.72
C ILE A 418 -7.74 -2.64 -2.55
N CYS A 419 -7.31 -1.43 -2.18
CA CYS A 419 -7.93 -0.73 -1.06
C CYS A 419 -9.41 -0.49 -1.32
N LEU A 420 -9.74 0.08 -2.48
CA LEU A 420 -11.14 0.40 -2.77
C LEU A 420 -11.95 -0.88 -3.00
N ASN A 421 -11.35 -1.88 -3.64
CA ASN A 421 -12.05 -3.15 -3.87
C ASN A 421 -12.45 -3.79 -2.56
N ASP A 422 -11.49 -3.97 -1.65
CA ASP A 422 -11.73 -4.67 -0.39
C ASP A 422 -12.57 -3.82 0.57
N ARG A 423 -12.50 -2.50 0.45
CA ARG A 423 -13.27 -1.65 1.37
C ARG A 423 -14.75 -1.65 1.02
N TYR A 424 -15.10 -1.65 -0.27
CA TYR A 424 -16.45 -1.35 -0.69
C TYR A 424 -17.18 -2.50 -1.40
N GLU A 425 -16.48 -3.50 -1.93
CA GLU A 425 -17.16 -4.61 -2.59
C GLU A 425 -17.68 -5.58 -1.55
N LEU A 426 -18.96 -5.94 -1.66
CA LEU A 426 -19.47 -6.98 -0.78
C LEU A 426 -18.72 -8.27 -0.96
N ASP A 427 -18.26 -8.53 -2.18
CA ASP A 427 -17.56 -9.78 -2.48
C ASP A 427 -16.05 -9.63 -2.40
N GLY A 428 -15.55 -8.54 -1.83
CA GLY A 428 -14.13 -8.27 -1.78
C GLY A 428 -13.41 -9.08 -0.72
N ARG A 429 -12.10 -8.82 -0.61
CA ARG A 429 -11.20 -9.59 0.25
C ARG A 429 -11.28 -11.07 -0.13
N ASP A 430 -11.10 -11.32 -1.41
CA ASP A 430 -11.42 -12.60 -2.01
C ASP A 430 -10.35 -12.95 -3.03
N PRO A 431 -10.00 -14.24 -3.18
CA PRO A 431 -9.11 -14.64 -4.28
C PRO A 431 -9.52 -14.09 -5.64
N ASN A 432 -10.82 -14.01 -5.94
CA ASN A 432 -11.27 -13.48 -7.21
C ASN A 432 -10.89 -12.00 -7.38
N GLY A 433 -10.87 -11.25 -6.28
CA GLY A 433 -10.52 -9.84 -6.35
C GLY A 433 -9.04 -9.63 -6.65
N TYR A 434 -8.17 -10.35 -5.94
CA TYR A 434 -6.72 -10.23 -6.18
C TYR A 434 -6.35 -10.74 -7.56
N ALA A 435 -6.94 -11.86 -8.01
CA ALA A 435 -6.66 -12.33 -9.37
C ALA A 435 -7.24 -11.37 -10.41
N GLY A 436 -8.41 -10.78 -10.13
CA GLY A 436 -8.99 -9.88 -11.09
C GLY A 436 -8.24 -8.57 -11.20
N ILE A 437 -7.77 -8.04 -10.07
CA ILE A 437 -6.94 -6.85 -10.10
C ILE A 437 -5.61 -7.15 -10.77
N ALA A 438 -5.03 -8.32 -10.50
CA ALA A 438 -3.74 -8.70 -11.10
C ALA A 438 -3.87 -8.89 -12.61
N TRP A 439 -5.03 -9.38 -13.07
CA TRP A 439 -5.31 -9.41 -14.50
C TRP A 439 -5.35 -8.00 -15.09
N SER A 440 -6.07 -7.08 -14.43
CA SER A 440 -6.30 -5.76 -15.02
C SER A 440 -5.03 -4.92 -15.04
N ILE A 441 -4.20 -5.04 -14.00
CA ILE A 441 -3.10 -4.11 -13.79
C ILE A 441 -1.78 -4.73 -14.24
N GLY A 442 -1.64 -6.04 -14.07
CA GLY A 442 -0.37 -6.67 -14.35
C GLY A 442 -0.40 -7.78 -15.37
N GLY A 443 -1.54 -7.97 -16.04
CA GLY A 443 -1.59 -8.98 -17.08
C GLY A 443 -1.52 -10.43 -16.62
N VAL A 444 -1.76 -10.71 -15.33
CA VAL A 444 -1.83 -12.09 -14.88
C VAL A 444 -2.98 -12.79 -15.59
N HIS A 445 -2.72 -13.97 -16.15
CA HIS A 445 -3.69 -14.72 -16.95
C HIS A 445 -4.13 -13.97 -18.21
N ASP A 446 -3.37 -12.97 -18.63
CA ASP A 446 -3.59 -12.27 -19.89
C ASP A 446 -2.33 -12.39 -20.75
N ARG A 447 -2.30 -11.64 -21.84
CA ARG A 447 -1.15 -11.61 -22.74
C ARG A 447 -0.81 -10.16 -23.06
N ALA A 448 0.28 -9.97 -23.80
CA ALA A 448 0.73 -8.63 -24.14
C ALA A 448 -0.07 -8.09 -25.32
N TRP A 449 -0.31 -6.79 -25.31
CA TRP A 449 -1.03 -6.11 -26.39
C TRP A 449 -0.22 -4.93 -26.91
N GLY A 450 -0.86 -4.05 -27.67
CA GLY A 450 -0.12 -2.99 -28.33
C GLY A 450 0.58 -2.06 -27.35
N GLU A 451 1.78 -1.62 -27.74
CA GLU A 451 2.58 -0.75 -26.88
C GLU A 451 1.96 0.63 -26.74
N ARG A 452 1.89 1.13 -25.51
CA ARG A 452 1.36 2.46 -25.23
C ARG A 452 2.25 3.13 -24.20
N GLU A 453 2.10 4.45 -24.08
CA GLU A 453 2.69 5.18 -22.96
C GLU A 453 2.03 4.77 -21.65
N VAL A 454 2.79 4.88 -20.56
CA VAL A 454 2.34 4.67 -19.18
C VAL A 454 2.00 3.20 -18.92
N THR A 455 1.07 2.63 -19.69
CA THR A 455 0.62 1.27 -19.40
C THR A 455 1.39 0.22 -20.18
N GLY A 456 2.23 0.63 -21.12
CA GLY A 456 3.09 -0.34 -21.78
C GLY A 456 2.29 -1.30 -22.62
N LYS A 457 2.54 -2.59 -22.44
CA LYS A 457 1.89 -3.63 -23.22
C LYS A 457 0.71 -4.27 -22.49
N ILE A 458 0.26 -3.66 -21.39
CA ILE A 458 -0.92 -4.16 -20.68
C ILE A 458 -2.15 -3.85 -21.51
N ARG A 459 -3.09 -4.81 -21.55
CA ARG A 459 -4.32 -4.61 -22.29
C ARG A 459 -4.97 -3.29 -21.94
N TYR A 460 -5.31 -2.53 -22.96
CA TYR A 460 -5.88 -1.20 -22.83
C TYR A 460 -7.40 -1.25 -23.03
N MET A 461 -8.11 -0.41 -22.29
CA MET A 461 -9.55 -0.22 -22.47
C MET A 461 -9.84 1.27 -22.50
N SER A 462 -10.74 1.68 -23.40
CA SER A 462 -11.00 3.10 -23.63
C SER A 462 -12.49 3.40 -23.46
N TYR A 463 -12.77 4.67 -23.14
CA TYR A 463 -14.14 5.15 -23.07
C TYR A 463 -14.88 4.92 -24.40
N GLU A 464 -14.20 5.19 -25.52
CA GLU A 464 -14.81 5.02 -26.84
C GLU A 464 -15.11 3.56 -27.13
N GLY A 465 -14.28 2.64 -26.64
CA GLY A 465 -14.58 1.22 -26.80
C GLY A 465 -15.84 0.82 -26.06
N CYS A 466 -16.05 1.38 -24.87
CA CYS A 466 -17.28 1.10 -24.12
C CYS A 466 -18.50 1.66 -24.84
N LYS A 467 -18.34 2.84 -25.47
CA LYS A 467 -19.46 3.51 -26.13
C LYS A 467 -20.04 2.65 -27.25
N ARG A 468 -19.19 1.88 -27.92
CA ARG A 468 -19.65 1.04 -29.02
C ARG A 468 -20.22 -0.29 -28.56
N LYS A 469 -20.02 -0.66 -27.29
CA LYS A 469 -20.49 -1.95 -26.79
C LYS A 469 -21.76 -1.86 -25.98
N PHE A 470 -21.98 -0.76 -25.27
CA PHE A 470 -23.20 -0.59 -24.49
C PHE A 470 -23.51 0.90 -24.38
N ASP A 471 -24.73 1.19 -23.93
CA ASP A 471 -25.18 2.56 -23.79
C ASP A 471 -24.54 3.23 -22.59
N VAL A 472 -23.37 3.84 -22.81
CA VAL A 472 -22.59 4.40 -21.72
C VAL A 472 -23.36 5.50 -21.00
N LYS A 473 -24.14 6.30 -21.75
CA LYS A 473 -24.87 7.42 -21.16
C LYS A 473 -25.90 6.94 -20.15
N LEU A 474 -26.56 5.81 -20.43
CA LEU A 474 -27.57 5.30 -19.51
C LEU A 474 -26.93 4.83 -18.20
N TYR A 475 -25.77 4.19 -18.29
CA TYR A 475 -25.06 3.78 -17.08
C TYR A 475 -24.65 4.99 -16.25
N ILE A 476 -24.21 6.06 -16.92
CA ILE A 476 -23.76 7.25 -16.21
C ILE A 476 -24.92 7.95 -15.52
N GLU A 477 -26.05 8.08 -16.21
CA GLU A 477 -27.18 8.78 -15.61
C GLU A 477 -27.75 8.02 -14.42
N LYS A 478 -27.67 6.69 -14.44
CA LYS A 478 -28.20 5.89 -13.32
C LYS A 478 -27.42 6.15 -12.05
N TYR A 479 -26.11 6.37 -12.16
CA TYR A 479 -25.27 6.61 -10.99
C TYR A 479 -24.70 8.01 -11.02
N SER A 480 -25.57 9.00 -11.23
CA SER A 480 -25.19 10.41 -11.28
C SER A 480 -24.11 10.67 -12.32
N LEU B 14 26.41 30.72 -19.88
CA LEU B 14 25.38 30.07 -19.07
C LEU B 14 25.20 30.78 -17.72
N VAL B 15 26.32 31.19 -17.12
CA VAL B 15 26.31 31.99 -15.91
C VAL B 15 26.85 33.37 -16.26
N PRO B 16 26.32 34.45 -15.69
CA PRO B 16 26.80 35.80 -16.03
C PRO B 16 28.21 36.05 -15.52
N ARG B 17 28.80 37.12 -16.04
CA ARG B 17 30.16 37.48 -15.67
C ARG B 17 30.22 37.99 -14.24
N GLY B 18 31.24 37.56 -13.51
CA GLY B 18 31.43 38.01 -12.14
C GLY B 18 30.33 37.60 -11.17
N SER B 19 29.75 36.42 -11.37
CA SER B 19 28.70 35.93 -10.47
C SER B 19 29.19 34.87 -9.50
N HIS B 20 30.33 34.23 -9.76
CA HIS B 20 30.91 33.20 -8.89
C HIS B 20 29.92 32.05 -8.67
N MET B 21 29.58 31.38 -9.76
CA MET B 21 28.63 30.28 -9.75
CA MET B 21 28.64 30.27 -9.73
C MET B 21 29.23 29.10 -10.50
N ASN B 22 29.26 27.94 -9.86
CA ASN B 22 29.73 26.75 -10.55
C ASN B 22 28.65 26.32 -11.53
N PRO B 23 28.91 26.33 -12.84
CA PRO B 23 27.85 25.99 -13.80
C PRO B 23 27.39 24.54 -13.73
N LYS B 24 28.16 23.67 -13.09
CA LYS B 24 27.74 22.28 -12.95
C LYS B 24 26.55 22.11 -12.01
N ARG B 25 26.21 23.15 -11.23
CA ARG B 25 25.04 23.09 -10.35
C ARG B 25 23.74 23.29 -11.09
N ILE B 26 23.79 23.66 -12.37
CA ILE B 26 22.61 24.02 -13.15
C ILE B 26 22.37 22.99 -14.23
N ARG B 27 21.10 22.70 -14.51
CA ARG B 27 20.69 21.85 -15.62
C ARG B 27 19.62 22.58 -16.43
N ALA B 28 19.82 22.64 -17.73
CA ALA B 28 18.80 23.19 -18.63
C ALA B 28 17.75 22.12 -18.91
N LEU B 29 16.51 22.38 -18.49
CA LEU B 29 15.38 21.51 -18.78
C LEU B 29 14.70 21.81 -20.10
N LYS B 30 14.82 23.05 -20.58
CA LYS B 30 14.20 23.47 -21.82
C LYS B 30 14.90 24.73 -22.30
N SER B 31 15.21 24.81 -23.59
CA SER B 31 15.79 26.00 -24.19
C SER B 31 14.73 26.77 -24.97
N GLY B 32 15.06 28.00 -25.31
CA GLY B 32 14.13 28.83 -26.06
C GLY B 32 14.52 30.28 -25.97
N LYS B 33 13.67 31.12 -26.55
CA LYS B 33 13.92 32.55 -26.57
C LYS B 33 13.65 33.14 -25.19
N GLN B 34 14.65 33.82 -24.63
CA GLN B 34 14.48 34.49 -23.35
C GLN B 34 13.44 35.60 -23.48
N GLY B 35 12.47 35.60 -22.55
CA GLY B 35 11.42 36.60 -22.59
C GLY B 35 11.86 37.95 -22.03
N ASP B 36 10.96 38.92 -22.15
CA ASP B 36 11.22 40.29 -21.75
C ASP B 36 10.94 40.54 -20.27
N GLY B 37 10.39 39.56 -19.56
CA GLY B 37 9.91 39.78 -18.22
C GLY B 37 10.82 39.25 -17.15
N PRO B 38 10.34 39.24 -15.91
CA PRO B 38 11.18 38.84 -14.78
C PRO B 38 11.58 37.38 -14.82
N VAL B 39 12.68 37.10 -14.11
CA VAL B 39 13.10 35.73 -13.85
C VAL B 39 12.29 35.20 -12.67
N VAL B 40 11.68 34.03 -12.85
CA VAL B 40 10.82 33.44 -11.83
C VAL B 40 11.52 32.23 -11.22
N TYR B 41 11.64 32.23 -9.89
CA TYR B 41 12.16 31.08 -9.16
C TYR B 41 10.97 30.32 -8.60
N TRP B 42 10.65 29.20 -9.21
CA TRP B 42 9.66 28.26 -8.68
C TRP B 42 10.31 27.53 -7.51
N MET B 43 10.01 27.95 -6.29
CA MET B 43 10.61 27.33 -5.08
C MET B 43 9.77 26.12 -4.65
N SER B 44 10.42 25.02 -4.29
CA SER B 44 9.70 23.81 -3.82
C SER B 44 10.43 23.16 -2.65
N ARG B 45 11.66 22.71 -2.86
CA ARG B 45 12.37 21.95 -1.80
C ARG B 45 13.24 22.82 -0.92
N ASP B 46 13.68 23.97 -1.41
CA ASP B 46 14.65 24.75 -0.64
C ASP B 46 14.03 26.06 -0.21
N GLN B 47 13.26 26.00 0.89
CA GLN B 47 12.46 27.13 1.37
C GLN B 47 13.30 27.99 2.31
N ARG B 48 14.18 28.79 1.72
CA ARG B 48 15.05 29.69 2.48
C ARG B 48 15.55 30.78 1.56
N ALA B 49 15.91 31.92 2.15
CA ALA B 49 16.42 33.05 1.38
C ALA B 49 17.92 33.04 1.29
N GLU B 50 18.60 32.58 2.34
CA GLU B 50 20.05 32.57 2.36
C GLU B 50 20.57 31.20 1.94
N ASP B 51 21.81 31.18 1.44
CA ASP B 51 22.50 29.93 1.10
C ASP B 51 21.66 29.07 0.16
N ASN B 52 21.11 29.69 -0.88
CA ASN B 52 20.21 29.01 -1.81
C ASN B 52 20.74 29.21 -3.23
N TRP B 53 21.43 28.19 -3.75
CA TRP B 53 22.02 28.30 -5.08
C TRP B 53 20.97 28.56 -6.15
N ALA B 54 19.74 28.07 -5.97
CA ALA B 54 18.71 28.30 -6.97
C ALA B 54 18.25 29.76 -6.97
N LEU B 55 18.12 30.35 -5.78
CA LEU B 55 17.74 31.76 -5.70
C LEU B 55 18.90 32.65 -6.13
N LEU B 56 20.13 32.29 -5.75
CA LEU B 56 21.29 33.05 -6.17
C LEU B 56 21.45 33.05 -7.68
N PHE B 57 21.27 31.90 -8.32
CA PHE B 57 21.35 31.83 -9.78
C PHE B 57 20.25 32.68 -10.42
N SER B 58 19.01 32.59 -9.93
CA SER B 58 17.93 33.40 -10.47
C SER B 58 18.25 34.88 -10.39
N ARG B 59 18.83 35.32 -9.27
CA ARG B 59 19.20 36.73 -9.12
C ARG B 59 20.27 37.13 -10.13
N ALA B 60 21.22 36.23 -10.42
CA ALA B 60 22.29 36.56 -11.34
C ALA B 60 21.77 36.69 -12.78
N ILE B 61 20.86 35.78 -13.18
CA ILE B 61 20.26 35.89 -14.51
C ILE B 61 19.47 37.19 -14.62
N ALA B 62 18.74 37.54 -13.56
CA ALA B 62 17.91 38.74 -13.58
C ALA B 62 18.77 39.98 -13.68
N LYS B 63 19.91 39.99 -12.99
CA LYS B 63 20.79 41.15 -13.05
C LYS B 63 21.36 41.34 -14.45
N GLU B 64 21.73 40.24 -15.12
CA GLU B 64 22.24 40.35 -16.48
C GLU B 64 21.15 40.80 -17.45
N ALA B 65 19.92 40.34 -17.25
CA ALA B 65 18.84 40.68 -18.16
C ALA B 65 18.18 42.02 -17.84
N ASN B 66 18.63 42.71 -16.79
CA ASN B 66 18.05 43.98 -16.35
C ASN B 66 16.57 43.83 -15.97
N VAL B 67 16.24 42.73 -15.31
CA VAL B 67 14.86 42.48 -14.89
C VAL B 67 14.89 42.06 -13.42
N PRO B 68 13.76 42.14 -12.73
CA PRO B 68 13.71 41.65 -11.34
C PRO B 68 13.52 40.14 -11.28
N VAL B 69 13.81 39.60 -10.11
CA VAL B 69 13.54 38.21 -9.83
C VAL B 69 12.36 38.17 -8.86
N VAL B 70 11.48 37.19 -9.04
CA VAL B 70 10.37 36.95 -8.13
C VAL B 70 10.35 35.47 -7.77
N VAL B 71 9.77 35.17 -6.60
CA VAL B 71 9.66 33.82 -6.10
C VAL B 71 8.20 33.38 -6.17
N VAL B 72 7.97 32.16 -6.63
CA VAL B 72 6.63 31.61 -6.67
C VAL B 72 6.66 30.26 -5.96
N PHE B 73 5.60 29.99 -5.20
CA PHE B 73 5.45 28.74 -4.46
C PHE B 73 4.03 28.24 -4.66
N CYS B 74 3.88 26.94 -4.95
CA CYS B 74 2.57 26.36 -5.24
C CYS B 74 2.26 25.28 -4.21
N LEU B 75 1.25 25.54 -3.36
CA LEU B 75 0.75 24.55 -2.42
C LEU B 75 -0.36 23.74 -3.08
N THR B 76 -0.21 22.42 -3.07
CA THR B 76 -1.21 21.55 -3.68
C THR B 76 -2.36 21.29 -2.71
N ASP B 77 -3.55 21.07 -3.28
CA ASP B 77 -4.71 20.71 -2.46
C ASP B 77 -4.55 19.32 -1.85
N GLU B 78 -3.83 18.43 -2.53
CA GLU B 78 -3.75 17.03 -2.13
C GLU B 78 -2.71 16.77 -1.05
N PHE B 79 -1.99 17.79 -0.59
CA PHE B 79 -1.01 17.60 0.46
C PHE B 79 -1.44 18.21 1.79
N LEU B 80 -2.62 18.83 1.84
CA LEU B 80 -3.19 19.31 3.09
C LEU B 80 -3.55 18.13 3.97
N GLY B 83 -0.72 15.27 5.72
CA GLY B 83 0.18 15.61 6.81
C GLY B 83 -0.13 16.96 7.44
N ILE B 84 -0.77 16.93 8.61
CA ILE B 84 -1.16 18.17 9.26
C ILE B 84 0.00 18.78 10.03
N ARG B 85 0.85 17.93 10.65
CA ARG B 85 1.94 18.47 11.46
C ARG B 85 3.08 19.01 10.59
N GLN B 86 3.29 18.41 9.42
CA GLN B 86 4.24 19.01 8.48
C GLN B 86 3.69 20.31 7.91
N TYR B 87 2.37 20.43 7.81
CA TYR B 87 1.76 21.60 7.19
C TYR B 87 2.04 22.85 8.01
N GLU B 88 1.79 22.80 9.32
CA GLU B 88 1.99 23.98 10.14
C GLU B 88 3.47 24.34 10.24
N PHE B 89 4.35 23.34 10.28
CA PHE B 89 5.78 23.61 10.32
C PHE B 89 6.24 24.30 9.05
N MET B 90 5.74 23.87 7.90
CA MET B 90 6.11 24.47 6.63
C MET B 90 5.52 25.87 6.48
N LEU B 91 4.24 26.02 6.83
CA LEU B 91 3.57 27.31 6.63
C LEU B 91 4.16 28.39 7.52
N LYS B 92 4.52 28.04 8.77
CA LYS B 92 5.12 29.04 9.65
C LYS B 92 6.48 29.48 9.14
N GLY B 93 7.26 28.55 8.58
CA GLY B 93 8.51 28.93 7.97
C GLY B 93 8.32 29.80 6.74
N LEU B 94 7.26 29.54 5.96
CA LEU B 94 6.99 30.36 4.78
C LEU B 94 6.60 31.79 5.15
N GLN B 95 5.86 31.96 6.26
CA GLN B 95 5.50 33.30 6.70
C GLN B 95 6.75 34.11 7.05
N GLU B 96 7.70 33.47 7.72
CA GLU B 96 8.95 34.15 8.01
C GLU B 96 9.74 34.43 6.73
N LEU B 97 9.68 33.50 5.77
CA LEU B 97 10.42 33.67 4.52
C LEU B 97 9.85 34.81 3.68
N GLU B 98 8.52 34.99 3.71
CA GLU B 98 7.89 36.08 2.99
C GLU B 98 8.43 37.43 3.45
N VAL B 99 8.63 37.57 4.76
CA VAL B 99 9.19 38.81 5.30
C VAL B 99 10.65 38.97 4.89
N SER B 100 11.42 37.88 4.94
CA SER B 100 12.84 37.96 4.61
C SER B 100 13.05 38.37 3.15
N LEU B 101 12.26 37.80 2.23
CA LEU B 101 12.36 38.19 0.83
C LEU B 101 11.90 39.62 0.60
N SER B 102 10.87 40.07 1.33
CA SER B 102 10.41 41.44 1.20
C SER B 102 11.51 42.44 1.58
N ARG B 103 12.31 42.10 2.60
CA ARG B 103 13.40 42.99 2.99
C ARG B 103 14.43 43.15 1.87
N LYS B 104 14.58 42.13 1.02
CA LYS B 104 15.44 42.21 -0.16
C LYS B 104 14.68 42.65 -1.40
N LYS B 105 13.44 43.12 -1.23
CA LYS B 105 12.62 43.63 -2.34
C LYS B 105 12.37 42.55 -3.39
N ILE B 106 12.18 41.32 -2.95
CA ILE B 106 11.88 40.19 -3.80
C ILE B 106 10.44 39.76 -3.52
N PRO B 107 9.50 39.98 -4.45
CA PRO B 107 8.12 39.56 -4.20
C PRO B 107 7.97 38.05 -4.26
N SER B 108 7.10 37.53 -3.39
CA SER B 108 6.78 36.11 -3.36
C SER B 108 5.30 35.92 -3.62
N PHE B 109 4.97 35.00 -4.52
CA PHE B 109 3.60 34.68 -4.87
C PHE B 109 3.31 33.24 -4.45
N PHE B 110 2.17 33.04 -3.77
CA PHE B 110 1.79 31.73 -3.26
C PHE B 110 0.54 31.27 -3.99
N LEU B 111 0.68 30.22 -4.78
CA LEU B 111 -0.43 29.69 -5.57
C LEU B 111 -0.97 28.41 -4.92
N ARG B 112 -2.21 28.08 -5.29
CA ARG B 112 -2.89 26.90 -4.74
C ARG B 112 -3.47 26.11 -5.91
N GLY B 113 -3.03 24.88 -6.06
CA GLY B 113 -3.52 24.01 -7.11
C GLY B 113 -2.46 23.05 -7.57
N ASP B 114 -2.69 22.49 -8.75
CA ASP B 114 -1.73 21.58 -9.35
C ASP B 114 -0.58 22.38 -9.96
N PRO B 115 0.67 22.16 -9.52
CA PRO B 115 1.78 22.98 -10.05
C PRO B 115 1.94 22.86 -11.56
N GLY B 116 1.67 21.69 -12.15
CA GLY B 116 1.80 21.54 -13.58
C GLY B 116 0.92 22.49 -14.36
N GLU B 117 -0.21 22.90 -13.78
CA GLU B 117 -1.08 23.87 -14.42
C GLU B 117 -0.93 25.28 -13.87
N LYS B 118 -0.66 25.42 -12.57
CA LYS B 118 -0.57 26.76 -11.98
C LYS B 118 0.72 27.46 -12.38
N ILE B 119 1.85 26.75 -12.38
CA ILE B 119 3.12 27.38 -12.73
C ILE B 119 3.12 27.80 -14.20
N SER B 120 2.59 26.95 -15.06
CA SER B 120 2.50 27.30 -16.48
C SER B 120 1.64 28.55 -16.67
N ARG B 121 0.53 28.65 -15.94
CA ARG B 121 -0.36 29.81 -16.07
C ARG B 121 0.31 31.07 -15.52
N PHE B 122 1.01 30.95 -14.40
CA PHE B 122 1.70 32.10 -13.82
C PHE B 122 2.74 32.65 -14.79
N VAL B 123 3.46 31.76 -15.49
CA VAL B 123 4.53 32.21 -16.39
C VAL B 123 3.94 33.04 -17.54
N LYS B 124 2.80 32.61 -18.07
CA LYS B 124 2.18 33.33 -19.18
C LYS B 124 1.56 34.65 -18.71
N ASP B 125 0.85 34.62 -17.58
CA ASP B 125 0.17 35.83 -17.11
C ASP B 125 1.16 36.92 -16.72
N TYR B 126 2.20 36.56 -15.98
CA TYR B 126 3.17 37.55 -15.53
CA TYR B 126 3.21 37.49 -15.50
C TYR B 126 4.31 37.76 -16.53
N ASN B 127 4.22 37.15 -17.71
CA ASN B 127 5.18 37.36 -18.80
C ASN B 127 6.61 37.10 -18.35
N ALA B 128 6.82 35.97 -17.68
CA ALA B 128 8.16 35.62 -17.21
C ALA B 128 9.12 35.44 -18.38
N GLY B 129 10.36 35.85 -18.17
CA GLY B 129 11.38 35.73 -19.19
C GLY B 129 12.21 34.47 -19.07
N THR B 130 12.32 33.94 -17.83
CA THR B 130 13.06 32.73 -17.55
C THR B 130 12.48 32.08 -16.31
N LEU B 131 12.45 30.75 -16.30
CA LEU B 131 11.92 29.99 -15.17
C LEU B 131 13.05 29.17 -14.55
N VAL B 132 13.17 29.22 -13.22
CA VAL B 132 14.13 28.43 -12.48
C VAL B 132 13.39 27.67 -11.37
N THR B 133 13.81 26.42 -11.14
CA THR B 133 13.33 25.67 -9.98
C THR B 133 14.51 24.97 -9.32
N ASP B 134 14.28 24.47 -8.11
CA ASP B 134 15.32 23.71 -7.42
C ASP B 134 15.12 22.22 -7.73
N PHE B 135 16.00 21.39 -7.19
CA PHE B 135 16.05 19.98 -7.56
C PHE B 135 15.45 19.08 -6.48
N SER B 136 14.65 18.12 -6.91
CA SER B 136 14.12 17.07 -6.05
C SER B 136 14.04 15.81 -6.91
N PRO B 137 14.54 14.67 -6.43
CA PRO B 137 14.43 13.44 -7.21
C PRO B 137 13.10 12.72 -7.05
N LEU B 138 12.14 13.27 -6.32
CA LEU B 138 10.89 12.57 -6.09
C LEU B 138 10.02 12.58 -7.36
N ARG B 139 9.28 11.48 -7.53
CA ARG B 139 8.49 11.24 -8.73
C ARG B 139 7.59 12.42 -9.10
N ILE B 140 6.85 12.96 -8.12
CA ILE B 140 5.80 13.93 -8.45
C ILE B 140 6.41 15.24 -8.95
N LYS B 141 7.61 15.60 -8.47
CA LYS B 141 8.31 16.76 -9.01
C LYS B 141 8.61 16.57 -10.49
N ASN B 142 9.08 15.37 -10.86
CA ASN B 142 9.36 15.10 -12.27
CA ASN B 142 9.36 15.10 -12.27
C ASN B 142 8.09 15.19 -13.12
N GLN B 143 6.96 14.71 -12.59
CA GLN B 143 5.70 14.80 -13.33
C GLN B 143 5.32 16.26 -13.56
N TRP B 144 5.43 17.09 -12.52
CA TRP B 144 5.11 18.51 -12.67
C TRP B 144 6.04 19.19 -13.67
N ILE B 145 7.34 18.89 -13.61
CA ILE B 145 8.30 19.50 -14.53
C ILE B 145 7.93 19.19 -15.98
N GLU B 146 7.60 17.93 -16.27
CA GLU B 146 7.23 17.57 -17.63
C GLU B 146 5.97 18.30 -18.07
N LYS B 147 5.02 18.49 -17.15
CA LYS B 147 3.81 19.24 -17.49
C LYS B 147 4.13 20.71 -17.74
N VAL B 148 5.00 21.32 -16.93
CA VAL B 148 5.34 22.72 -17.15
C VAL B 148 6.06 22.89 -18.48
N ILE B 149 6.97 21.96 -18.81
CA ILE B 149 7.76 22.06 -20.04
C ILE B 149 6.84 22.16 -21.25
N SER B 150 5.76 21.38 -21.27
CA SER B 150 4.85 21.38 -22.41
CA SER B 150 4.85 21.37 -22.41
C SER B 150 3.96 22.61 -22.48
N GLY B 151 3.87 23.39 -21.40
CA GLY B 151 3.03 24.57 -21.37
C GLY B 151 3.73 25.91 -21.40
N ILE B 152 5.04 25.97 -21.66
CA ILE B 152 5.78 27.22 -21.67
C ILE B 152 6.67 27.26 -22.91
N SER B 153 7.07 28.48 -23.27
CA SER B 153 7.97 28.69 -24.40
C SER B 153 9.24 29.43 -24.01
N ILE B 154 9.47 29.65 -22.71
CA ILE B 154 10.65 30.38 -22.24
C ILE B 154 11.67 29.37 -21.73
N PRO B 155 12.95 29.74 -21.58
CA PRO B 155 13.93 28.79 -21.03
C PRO B 155 13.56 28.37 -19.62
N PHE B 156 13.99 27.16 -19.26
CA PHE B 156 13.63 26.55 -17.98
C PHE B 156 14.86 25.85 -17.44
N PHE B 157 15.35 26.30 -16.29
CA PHE B 157 16.54 25.73 -15.67
C PHE B 157 16.18 25.12 -14.33
N GLU B 158 17.00 24.17 -13.90
CA GLU B 158 16.89 23.57 -12.58
C GLU B 158 18.25 23.60 -11.91
N VAL B 159 18.26 23.87 -10.61
CA VAL B 159 19.49 24.04 -9.85
C VAL B 159 19.42 23.12 -8.63
N ASP B 160 20.46 22.33 -8.41
CA ASP B 160 20.58 21.55 -7.20
C ASP B 160 21.05 22.47 -6.08
N ALA B 161 20.11 22.91 -5.24
CA ALA B 161 20.42 23.71 -4.06
C ALA B 161 20.39 22.90 -2.77
N HIS B 162 20.19 21.59 -2.85
CA HIS B 162 20.06 20.76 -1.65
C HIS B 162 21.30 19.94 -1.34
N ASN B 163 22.02 19.47 -2.36
CA ASN B 163 23.23 18.69 -2.18
C ASN B 163 24.47 19.56 -2.37
N VAL B 164 25.52 19.20 -1.64
CA VAL B 164 26.80 19.91 -1.78
C VAL B 164 27.39 19.66 -3.15
N VAL B 165 27.41 18.40 -3.58
CA VAL B 165 27.78 18.03 -4.95
C VAL B 165 26.49 17.78 -5.72
N PRO B 166 26.29 18.41 -6.88
CA PRO B 166 25.05 18.19 -7.65
C PRO B 166 24.82 16.71 -7.90
N CYS B 167 23.57 16.28 -7.71
CA CYS B 167 23.22 14.87 -7.75
C CYS B 167 23.68 14.22 -9.06
N TRP B 168 23.39 14.86 -10.19
CA TRP B 168 23.78 14.32 -11.48
C TRP B 168 25.28 14.39 -11.72
N GLU B 169 26.04 15.06 -10.85
CA GLU B 169 27.49 15.16 -10.98
C GLU B 169 28.22 14.16 -10.09
N ALA B 170 27.71 13.92 -8.88
CA ALA B 170 28.39 13.01 -7.96
C ALA B 170 28.53 11.62 -8.55
N SER B 171 27.53 11.19 -9.31
CA SER B 171 27.53 9.86 -9.92
C SER B 171 26.49 9.83 -11.03
N GLN B 172 26.75 8.98 -12.02
CA GLN B 172 25.87 8.84 -13.17
C GLN B 172 25.00 7.59 -13.10
N LYS B 173 25.04 6.87 -11.97
CA LYS B 173 24.33 5.61 -11.87
C LYS B 173 23.95 5.36 -10.41
N HIS B 174 23.05 4.40 -10.21
CA HIS B 174 22.71 3.96 -8.87
C HIS B 174 23.95 3.38 -8.19
N GLU B 175 24.21 3.82 -6.96
CA GLU B 175 25.36 3.35 -6.20
C GLU B 175 24.95 2.19 -5.31
N TYR B 176 25.75 1.13 -5.30
CA TYR B 176 25.39 -0.07 -4.56
C TYR B 176 25.59 0.11 -3.06
N ALA B 177 26.61 0.85 -2.66
CA ALA B 177 26.93 1.00 -1.25
C ALA B 177 27.57 2.36 -1.04
N ALA B 178 27.66 2.74 0.23
CA ALA B 178 28.35 3.97 0.58
C ALA B 178 29.84 3.90 0.30
N HIS B 179 30.43 2.69 0.34
CA HIS B 179 31.87 2.58 0.14
C HIS B 179 32.28 2.72 -1.33
N THR B 180 31.33 2.56 -2.27
CA THR B 180 31.59 2.94 -3.65
C THR B 180 31.22 4.38 -3.95
N PHE B 181 30.31 4.96 -3.16
CA PHE B 181 29.92 6.35 -3.31
C PHE B 181 30.86 7.31 -2.59
N ARG B 182 31.45 6.86 -1.49
CA ARG B 182 32.31 7.74 -0.68
C ARG B 182 33.47 8.33 -1.47
N PRO B 183 34.28 7.56 -2.20
CA PRO B 183 35.39 8.20 -2.93
C PRO B 183 34.94 9.16 -4.01
N LYS B 184 33.81 8.88 -4.68
CA LYS B 184 33.35 9.77 -5.73
C LYS B 184 32.90 11.12 -5.18
N LEU B 185 32.29 11.12 -4.00
CA LEU B 185 31.83 12.38 -3.42
C LEU B 185 32.97 13.21 -2.85
N TYR B 186 33.90 12.56 -2.14
CA TYR B 186 35.02 13.28 -1.55
C TYR B 186 36.03 13.77 -2.59
N ALA B 187 36.11 13.10 -3.74
CA ALA B 187 36.95 13.60 -4.82
C ALA B 187 36.40 14.89 -5.43
N LEU B 188 35.10 15.12 -5.33
CA LEU B 188 34.48 16.33 -5.85
C LEU B 188 34.24 17.39 -4.78
N LEU B 189 34.45 17.06 -3.51
CA LEU B 189 34.18 18.01 -2.43
C LEU B 189 35.00 19.31 -2.53
N PRO B 190 36.31 19.29 -2.80
CA PRO B 190 37.04 20.57 -2.86
C PRO B 190 36.49 21.56 -3.88
N GLU B 191 35.93 21.07 -4.99
CA GLU B 191 35.40 21.98 -5.99
C GLU B 191 34.07 22.59 -5.54
N PHE B 192 33.22 21.82 -4.88
CA PHE B 192 31.87 22.26 -4.60
C PHE B 192 31.66 22.73 -3.17
N LEU B 193 32.57 22.44 -2.26
CA LEU B 193 32.45 22.91 -0.88
C LEU B 193 33.03 24.33 -0.85
N GLU B 194 32.16 25.31 -1.09
CA GLU B 194 32.57 26.70 -1.18
C GLU B 194 31.59 27.55 -0.38
N GLU B 195 32.02 28.77 -0.05
CA GLU B 195 31.16 29.69 0.67
C GLU B 195 30.10 30.27 -0.25
N PHE B 196 29.03 30.78 0.35
CA PHE B 196 27.91 31.36 -0.39
C PHE B 196 28.11 32.86 -0.52
N PRO B 197 27.87 33.42 -1.69
CA PRO B 197 27.75 34.89 -1.79
C PRO B 197 26.43 35.35 -1.20
N GLU B 198 26.39 36.62 -0.83
CA GLU B 198 25.17 37.17 -0.26
C GLU B 198 24.13 37.39 -1.35
N LEU B 199 22.86 37.27 -0.97
CA LEU B 199 21.75 37.51 -1.89
C LEU B 199 21.60 39.02 -2.07
N GLU B 200 21.90 39.52 -3.25
CA GLU B 200 21.72 40.93 -3.54
C GLU B 200 20.23 41.24 -3.72
N PRO B 201 19.71 42.29 -3.09
CA PRO B 201 18.30 42.64 -3.30
C PRO B 201 18.00 42.99 -4.75
N ASN B 202 16.73 42.94 -5.11
CA ASN B 202 16.31 43.43 -6.42
C ASN B 202 16.71 44.90 -6.56
N SER B 203 17.29 45.24 -7.71
CA SER B 203 17.59 46.62 -8.04
C SER B 203 16.57 47.25 -8.97
N VAL B 204 15.75 46.45 -9.63
CA VAL B 204 14.69 46.91 -10.51
C VAL B 204 13.37 46.73 -9.79
N THR B 205 12.61 47.82 -9.64
CA THR B 205 11.32 47.73 -8.96
C THR B 205 10.30 47.04 -9.88
N PRO B 206 9.70 45.92 -9.45
CA PRO B 206 8.73 45.18 -10.26
C PRO B 206 7.36 45.85 -10.33
N ASP B 240 -4.75 15.15 15.32
CA ASP B 240 -3.41 14.91 15.84
C ASP B 240 -3.28 15.36 17.29
N PRO B 241 -3.93 14.64 18.21
CA PRO B 241 -3.97 15.08 19.61
C PRO B 241 -2.69 14.78 20.37
N LEU B 242 -1.86 13.84 19.91
CA LEU B 242 -0.65 13.46 20.63
C LEU B 242 0.54 14.34 20.29
N PHE B 243 0.47 15.10 19.19
CA PHE B 243 1.62 15.89 18.75
C PHE B 243 1.91 17.02 19.73
N GLU B 244 3.19 17.18 20.07
CA GLU B 244 3.67 18.27 20.91
C GLU B 244 4.50 19.20 20.03
N PRO B 245 3.90 20.26 19.48
CA PRO B 245 4.60 21.08 18.47
C PRO B 245 5.67 22.00 19.04
N TRP B 246 5.84 22.09 20.36
CA TRP B 246 6.80 23.01 20.94
C TRP B 246 8.23 22.49 20.93
N HIS B 247 8.47 21.28 20.39
CA HIS B 247 9.83 20.74 20.42
C HIS B 247 10.73 21.36 19.36
N PHE B 248 10.15 21.81 18.25
CA PHE B 248 10.92 22.41 17.17
C PHE B 248 10.24 23.69 16.70
N GLU B 249 10.91 24.80 16.86
CA GLU B 249 10.41 26.04 16.30
C GLU B 249 10.78 26.12 14.82
N PRO B 250 9.82 26.37 13.93
CA PRO B 250 10.12 26.41 12.50
C PRO B 250 10.72 27.74 12.07
N GLY B 251 11.36 27.71 10.90
CA GLY B 251 11.88 28.92 10.31
C GLY B 251 13.38 28.94 10.04
N GLU B 252 13.80 29.83 9.15
CA GLU B 252 15.22 29.94 8.83
C GLU B 252 16.04 30.42 10.03
N LYS B 253 15.50 31.34 10.82
CA LYS B 253 16.25 31.86 11.96
C LYS B 253 16.38 30.81 13.05
N ALA B 254 15.33 30.02 13.29
CA ALA B 254 15.40 28.97 14.30
C ALA B 254 16.36 27.86 13.88
N ALA B 255 16.41 27.54 12.59
CA ALA B 255 17.33 26.51 12.11
C ALA B 255 18.78 26.89 12.41
N LYS B 256 19.11 28.18 12.29
CA LYS B 256 20.47 28.64 12.56
C LYS B 256 20.84 28.44 14.03
N LYS B 257 19.93 28.81 14.94
CA LYS B 257 20.21 28.64 16.36
C LYS B 257 20.32 27.17 16.74
N VAL B 258 19.46 26.32 16.16
CA VAL B 258 19.58 24.88 16.38
C VAL B 258 20.93 24.38 15.89
N MET B 259 21.39 24.88 14.75
CA MET B 259 22.72 24.54 14.26
C MET B 259 23.80 24.96 15.27
N GLU B 260 23.81 26.24 15.62
CA GLU B 260 24.85 26.77 16.52
C GLU B 260 24.89 26.01 17.84
N SER B 261 23.73 25.66 18.39
CA SER B 261 23.72 24.90 19.63
C SER B 261 24.37 23.52 19.45
N PHE B 262 24.26 22.93 18.26
CA PHE B 262 24.81 21.60 18.02
C PHE B 262 26.34 21.64 18.02
N ILE B 263 26.94 22.59 17.29
CA ILE B 263 28.39 22.69 17.27
C ILE B 263 28.93 23.00 18.67
N ALA B 264 28.20 23.83 19.43
CA ALA B 264 28.73 24.32 20.69
C ALA B 264 28.65 23.26 21.79
N ASP B 265 27.54 22.52 21.84
CA ASP B 265 27.25 21.67 22.98
C ASP B 265 27.24 20.18 22.69
N ARG B 266 26.99 19.76 21.45
CA ARG B 266 26.75 18.35 21.17
C ARG B 266 27.69 17.73 20.15
N LEU B 267 28.40 18.53 19.35
CA LEU B 267 29.23 17.98 18.30
C LEU B 267 30.40 17.17 18.87
N ASP B 268 30.97 17.62 19.99
CA ASP B 268 32.16 16.96 20.54
C ASP B 268 31.87 15.51 20.90
N SER B 269 30.71 15.23 21.48
CA SER B 269 30.35 13.88 21.89
C SER B 269 29.34 13.23 20.93
N TYR B 270 29.26 13.72 19.70
CA TYR B 270 28.33 13.13 18.73
C TYR B 270 28.82 11.76 18.25
N GLY B 271 30.11 11.63 17.95
CA GLY B 271 30.65 10.40 17.40
C GLY B 271 30.50 9.20 18.31
N ALA B 272 30.38 9.42 19.62
CA ALA B 272 30.25 8.35 20.59
C ALA B 272 28.83 8.15 21.10
N LEU B 273 27.96 9.16 21.01
CA LEU B 273 26.63 9.09 21.59
C LEU B 273 25.51 9.17 20.56
N ARG B 274 25.85 9.12 19.26
CA ARG B 274 24.81 9.28 18.25
CA ARG B 274 24.82 9.27 18.23
C ARG B 274 23.84 8.10 18.23
N ASN B 275 24.28 6.91 18.66
CA ASN B 275 23.45 5.73 18.65
C ASN B 275 22.86 5.41 20.03
N ASP B 276 22.85 6.38 20.94
CA ASP B 276 22.24 6.23 22.26
C ASP B 276 20.97 7.07 22.31
N PRO B 277 19.78 6.47 22.13
CA PRO B 277 18.55 7.27 22.13
C PRO B 277 18.19 7.89 23.48
N THR B 278 18.87 7.51 24.56
CA THR B 278 18.61 8.15 25.85
C THR B 278 19.30 9.50 26.00
N LYS B 279 20.25 9.81 25.12
CA LYS B 279 20.96 11.09 25.15
C LYS B 279 20.58 11.88 23.90
N ASN B 280 20.08 13.09 24.11
CA ASN B 280 19.72 13.98 22.99
C ASN B 280 21.01 14.63 22.49
N MET B 281 21.77 13.86 21.73
CA MET B 281 23.06 14.31 21.23
C MET B 281 23.11 14.39 19.70
N LEU B 282 21.98 14.29 19.02
CA LEU B 282 21.93 14.50 17.58
C LEU B 282 21.77 16.00 17.26
N SER B 283 21.98 16.34 15.98
CA SER B 283 21.92 17.74 15.58
C SER B 283 20.50 18.29 15.64
N ASN B 284 19.50 17.44 15.46
CA ASN B 284 18.09 17.85 15.40
C ASN B 284 17.83 18.78 14.21
N LEU B 285 18.66 18.69 13.17
CA LEU B 285 18.53 19.55 12.00
C LEU B 285 17.58 19.02 10.93
N SER B 286 17.18 17.73 10.99
CA SER B 286 16.49 17.11 9.86
C SER B 286 15.17 17.78 9.47
N PRO B 287 14.32 18.26 10.39
CA PRO B 287 13.12 18.96 9.91
C PRO B 287 13.46 20.20 9.11
N TYR B 288 14.48 20.95 9.53
CA TYR B 288 14.89 22.14 8.77
C TYR B 288 15.55 21.74 7.45
N LEU B 289 16.33 20.66 7.46
CA LEU B 289 16.98 20.21 6.23
C LEU B 289 15.96 19.70 5.22
N HIS B 290 14.91 19.01 5.68
CA HIS B 290 13.91 18.45 4.78
C HIS B 290 13.18 19.55 4.01
N PHE B 291 12.75 20.59 4.71
CA PHE B 291 12.05 21.71 4.08
C PHE B 291 13.01 22.74 3.50
N GLY B 292 14.32 22.49 3.58
CA GLY B 292 15.26 23.42 3.04
C GLY B 292 15.32 24.73 3.77
N GLN B 293 14.93 24.76 5.05
CA GLN B 293 15.05 25.97 5.85
C GLN B 293 16.49 26.26 6.24
N ILE B 294 17.39 25.31 6.04
CA ILE B 294 18.81 25.53 6.21
C ILE B 294 19.55 24.71 5.18
N SER B 295 20.69 25.22 4.74
CA SER B 295 21.52 24.55 3.76
C SER B 295 22.45 23.55 4.44
N SER B 296 22.50 22.32 3.91
CA SER B 296 23.47 21.37 4.43
C SER B 296 24.90 21.80 4.09
N GLN B 297 25.08 22.48 2.96
CA GLN B 297 26.39 23.04 2.63
C GLN B 297 26.83 24.07 3.67
N ARG B 298 25.90 24.88 4.17
CA ARG B 298 26.20 25.79 5.26
C ARG B 298 26.61 25.04 6.52
N VAL B 299 25.87 23.98 6.86
CA VAL B 299 26.18 23.19 8.06
C VAL B 299 27.58 22.60 7.97
N VAL B 300 27.92 22.03 6.81
CA VAL B 300 29.24 21.44 6.62
C VAL B 300 30.32 22.51 6.76
N LEU B 301 30.08 23.72 6.23
CA LEU B 301 31.05 24.79 6.34
C LEU B 301 31.29 25.18 7.80
N GLU B 302 30.21 25.26 8.59
CA GLU B 302 30.38 25.65 9.99
C GLU B 302 31.03 24.54 10.80
N VAL B 303 30.71 23.28 10.50
CA VAL B 303 31.30 22.17 11.23
C VAL B 303 32.78 22.05 10.92
N GLU B 304 33.17 22.30 9.67
CA GLU B 304 34.57 22.24 9.29
C GLU B 304 35.40 23.29 10.03
N LYS B 305 34.82 24.47 10.26
CA LYS B 305 35.52 25.53 10.97
C LYS B 305 35.69 25.21 12.45
N ALA B 306 34.85 24.36 13.00
CA ALA B 306 34.84 24.14 14.44
C ALA B 306 36.06 23.34 14.90
N GLU B 307 36.45 23.59 16.14
CA GLU B 307 37.51 22.81 16.80
C GLU B 307 36.81 21.85 17.76
N SER B 308 36.64 20.61 17.33
CA SER B 308 36.00 19.59 18.13
C SER B 308 36.71 18.27 17.88
N ASN B 309 36.19 17.21 18.49
CA ASN B 309 36.75 15.87 18.32
C ASN B 309 36.78 15.50 16.84
N PRO B 310 37.94 15.20 16.26
CA PRO B 310 37.99 14.86 14.83
C PRO B 310 37.19 13.62 14.48
N GLY B 311 37.14 12.63 15.37
CA GLY B 311 36.35 11.45 15.10
C GLY B 311 34.86 11.72 15.06
N SER B 312 34.39 12.66 15.88
CA SER B 312 32.98 13.04 15.86
C SER B 312 32.67 13.89 14.63
N LYS B 313 33.61 14.74 14.20
CA LYS B 313 33.41 15.52 13.00
C LYS B 313 33.33 14.63 11.77
N LYS B 314 34.18 13.59 11.72
CA LYS B 314 34.14 12.68 10.59
C LYS B 314 32.86 11.86 10.60
N ALA B 315 32.38 11.45 11.78
CA ALA B 315 31.15 10.66 11.85
C ALA B 315 29.94 11.50 11.46
N PHE B 316 29.92 12.77 11.87
CA PHE B 316 28.79 13.62 11.49
C PHE B 316 28.83 13.97 10.02
N LEU B 317 30.01 14.27 9.48
CA LEU B 317 30.13 14.58 8.06
C LEU B 317 29.68 13.39 7.21
N ASP B 318 29.99 12.17 7.64
CA ASP B 318 29.55 10.99 6.90
C ASP B 318 28.04 10.91 6.82
N GLU B 319 27.34 11.34 7.87
CA GLU B 319 25.88 11.30 7.86
C GLU B 319 25.30 12.37 6.92
N ILE B 320 25.70 13.62 7.11
CA ILE B 320 25.08 14.72 6.38
C ILE B 320 25.56 14.83 4.94
N LEU B 321 26.71 14.24 4.61
CA LEU B 321 27.22 14.23 3.23
C LEU B 321 26.94 12.90 2.52
N ILE B 322 27.51 11.81 3.03
CA ILE B 322 27.44 10.53 2.31
C ILE B 322 26.01 9.99 2.30
N TRP B 323 25.42 9.82 3.48
CA TRP B 323 24.14 9.12 3.55
C TRP B 323 22.97 9.99 3.11
N LYS B 324 23.02 11.29 3.40
CA LYS B 324 21.96 12.18 2.91
C LYS B 324 21.97 12.26 1.39
N GLU B 325 23.15 12.39 0.78
CA GLU B 325 23.19 12.58 -0.66
C GLU B 325 23.12 11.28 -1.43
N ILE B 326 23.51 10.15 -0.82
CA ILE B 326 23.27 8.87 -1.46
C ILE B 326 21.79 8.52 -1.48
N SER B 327 20.99 9.14 -0.59
CA SER B 327 19.54 8.97 -0.66
C SER B 327 18.95 9.68 -1.88
N ASP B 328 19.48 10.86 -2.23
CA ASP B 328 19.06 11.50 -3.48
C ASP B 328 19.48 10.65 -4.67
N ASN B 329 20.69 10.09 -4.63
CA ASN B 329 21.14 9.18 -5.68
C ASN B 329 20.18 8.01 -5.86
N PHE B 330 19.76 7.38 -4.76
CA PHE B 330 18.86 6.24 -4.83
C PHE B 330 17.54 6.62 -5.51
N CYS B 331 16.90 7.69 -5.03
CA CYS B 331 15.64 8.11 -5.61
C CYS B 331 15.79 8.59 -7.05
N TYR B 332 16.92 9.22 -7.38
CA TYR B 332 17.06 9.77 -8.72
C TYR B 332 17.21 8.68 -9.78
N TYR B 333 17.92 7.61 -9.46
CA TYR B 333 18.20 6.56 -10.43
C TYR B 333 17.30 5.34 -10.27
N ASN B 334 16.34 5.38 -9.36
CA ASN B 334 15.38 4.28 -9.16
C ASN B 334 13.99 4.89 -9.00
N PRO B 335 13.24 4.99 -10.09
CA PRO B 335 11.90 5.59 -9.98
C PRO B 335 10.95 4.79 -9.10
N GLY B 336 11.22 3.52 -8.87
CA GLY B 336 10.40 2.75 -7.95
C GLY B 336 11.02 2.65 -6.58
N TYR B 337 11.61 3.77 -6.10
CA TYR B 337 12.34 3.78 -4.84
C TYR B 337 11.48 3.42 -3.64
N ASP B 338 10.15 3.53 -3.75
CA ASP B 338 9.28 3.18 -2.63
C ASP B 338 8.58 1.84 -2.84
N GLY B 339 9.14 0.98 -3.68
CA GLY B 339 8.53 -0.30 -3.95
C GLY B 339 9.54 -1.43 -3.77
N PHE B 340 8.99 -2.63 -3.62
CA PHE B 340 9.79 -3.84 -3.48
C PHE B 340 10.70 -4.05 -4.67
N GLU B 341 10.28 -3.62 -5.85
CA GLU B 341 11.06 -3.84 -7.07
C GLU B 341 12.44 -3.20 -7.01
N SER B 342 12.61 -2.13 -6.22
CA SER B 342 13.90 -1.45 -6.12
C SER B 342 14.90 -2.15 -5.21
N PHE B 343 14.50 -3.23 -4.51
CA PHE B 343 15.45 -3.91 -3.64
C PHE B 343 16.49 -4.64 -4.50
N PRO B 344 17.68 -4.89 -3.97
CA PRO B 344 18.66 -5.68 -4.72
C PRO B 344 18.18 -7.12 -4.88
N SER B 345 18.69 -7.77 -5.92
CA SER B 345 18.18 -9.09 -6.29
C SER B 345 18.41 -10.12 -5.17
N TRP B 346 19.53 -10.03 -4.46
CA TRP B 346 19.75 -10.97 -3.36
C TRP B 346 18.70 -10.80 -2.27
N ALA B 347 18.26 -9.57 -2.03
CA ALA B 347 17.25 -9.33 -1.01
C ALA B 347 15.86 -9.74 -1.48
N LYS B 348 15.55 -9.51 -2.75
CA LYS B 348 14.27 -9.96 -3.29
C LYS B 348 14.18 -11.48 -3.27
N GLU B 349 15.26 -12.17 -3.64
CA GLU B 349 15.27 -13.63 -3.61
C GLU B 349 15.04 -14.15 -2.19
N SER B 350 15.75 -13.59 -1.21
CA SER B 350 15.67 -14.07 0.16
C SER B 350 14.29 -13.83 0.76
N LEU B 351 13.73 -12.63 0.57
CA LEU B 351 12.40 -12.36 1.12
C LEU B 351 11.33 -13.21 0.45
N ASN B 352 11.49 -13.50 -0.84
CA ASN B 352 10.52 -14.34 -1.54
C ASN B 352 10.53 -15.76 -0.98
N ALA B 353 11.71 -16.29 -0.69
CA ALA B 353 11.82 -17.66 -0.19
C ALA B 353 11.25 -17.83 1.20
N HIS B 354 10.94 -16.74 1.90
CA HIS B 354 10.44 -16.80 3.26
C HIS B 354 9.05 -16.21 3.39
N ARG B 355 8.36 -15.99 2.26
CA ARG B 355 7.02 -15.43 2.28
C ARG B 355 6.02 -16.32 3.02
N ASN B 356 6.23 -17.63 3.00
CA ASN B 356 5.32 -18.57 3.64
C ASN B 356 5.69 -18.93 5.08
N ASP B 357 6.81 -18.40 5.58
CA ASP B 357 7.18 -18.65 6.98
C ASP B 357 6.12 -18.09 7.92
N VAL B 358 5.87 -18.80 9.01
CA VAL B 358 4.91 -18.32 10.00
C VAL B 358 5.54 -17.17 10.78
N ARG B 359 4.80 -16.07 10.90
CA ARG B 359 5.28 -14.92 11.65
C ARG B 359 4.98 -15.12 13.13
N SER B 360 5.90 -14.65 13.98
CA SER B 360 5.68 -14.79 15.41
C SER B 360 4.49 -13.95 15.86
N HIS B 361 4.34 -12.76 15.27
CA HIS B 361 3.16 -11.93 15.46
C HIS B 361 2.80 -11.30 14.13
N ILE B 362 1.55 -10.87 14.01
CA ILE B 362 1.05 -10.14 12.86
C ILE B 362 0.26 -8.95 13.37
N TYR B 363 0.68 -7.76 12.99
CA TYR B 363 0.00 -6.54 13.40
C TYR B 363 -0.50 -5.78 12.18
N THR B 364 -1.66 -5.17 12.32
CA THR B 364 -2.19 -4.33 11.26
C THR B 364 -1.59 -2.94 11.37
N LEU B 365 -1.80 -2.14 10.31
CA LEU B 365 -1.38 -0.74 10.34
C LEU B 365 -1.93 -0.01 11.55
N GLU B 366 -3.19 -0.26 11.90
CA GLU B 366 -3.81 0.45 13.03
C GLU B 366 -3.16 0.05 14.35
N GLU B 367 -2.81 -1.22 14.51
CA GLU B 367 -2.14 -1.64 15.74
C GLU B 367 -0.72 -1.10 15.82
N PHE B 368 0.00 -1.08 14.69
CA PHE B 368 1.30 -0.42 14.65
C PHE B 368 1.15 1.07 14.99
N GLU B 369 0.19 1.73 14.35
CA GLU B 369 0.04 3.18 14.51
C GLU B 369 -0.23 3.56 15.96
N ALA B 370 -1.04 2.77 16.66
CA ALA B 370 -1.39 3.05 18.04
C ALA B 370 -0.33 2.59 19.03
N GLY B 371 0.73 1.94 18.58
CA GLY B 371 1.74 1.46 19.51
C GLY B 371 1.27 0.31 20.37
N LYS B 372 0.50 -0.62 19.80
CA LYS B 372 -0.08 -1.70 20.57
C LYS B 372 0.54 -3.04 20.20
N THR B 373 1.86 -3.13 20.26
CA THR B 373 2.56 -4.39 20.03
C THR B 373 3.02 -4.98 21.37
N HIS B 374 3.54 -6.20 21.29
CA HIS B 374 4.10 -6.87 22.47
C HIS B 374 5.46 -6.33 22.86
N ASP B 375 6.11 -5.52 22.01
CA ASP B 375 7.45 -5.04 22.25
C ASP B 375 7.38 -3.65 22.87
N PRO B 376 7.74 -3.49 24.14
CA PRO B 376 7.71 -2.14 24.74
C PRO B 376 8.75 -1.21 24.14
N LEU B 377 9.86 -1.73 23.65
CA LEU B 377 10.85 -0.88 22.98
C LEU B 377 10.29 -0.36 21.66
N TRP B 378 9.61 -1.21 20.89
CA TRP B 378 8.99 -0.75 19.65
C TRP B 378 7.88 0.25 19.94
N ASN B 379 7.01 -0.07 20.91
CA ASN B 379 5.94 0.85 21.28
C ASN B 379 6.47 2.21 21.73
N ALA B 380 7.56 2.21 22.51
CA ALA B 380 8.16 3.48 22.91
C ALA B 380 8.67 4.27 21.71
N SER B 381 9.27 3.58 20.74
CA SER B 381 9.74 4.25 19.54
C SER B 381 8.59 4.92 18.80
N GLN B 382 7.45 4.21 18.68
CA GLN B 382 6.28 4.80 18.04
C GLN B 382 5.74 5.98 18.84
N MET B 383 5.89 5.97 20.17
CA MET B 383 5.34 7.07 20.96
C MET B 383 6.21 8.31 20.85
N GLU B 384 7.54 8.14 20.78
CA GLU B 384 8.41 9.27 20.50
C GLU B 384 8.05 9.91 19.16
N LEU B 385 7.78 9.07 18.15
CA LEU B 385 7.35 9.56 16.86
C LEU B 385 6.02 10.30 16.96
N LEU B 386 5.05 9.71 17.67
CA LEU B 386 3.72 10.30 17.74
C LEU B 386 3.74 11.62 18.52
N SER B 387 4.55 11.70 19.57
CA SER B 387 4.51 12.87 20.44
C SER B 387 5.44 13.99 19.98
N THR B 388 6.62 13.66 19.46
CA THR B 388 7.59 14.67 19.06
C THR B 388 7.74 14.84 17.56
N GLY B 389 7.27 13.90 16.76
CA GLY B 389 7.45 14.00 15.32
C GLY B 389 8.86 13.79 14.83
N LYS B 390 9.75 13.25 15.66
CA LYS B 390 11.12 12.96 15.26
C LYS B 390 11.61 11.81 16.13
N MET B 391 11.57 10.60 15.59
CA MET B 391 12.08 9.45 16.32
C MET B 391 13.60 9.42 16.21
N HIS B 392 14.25 9.00 17.29
CA HIS B 392 15.71 8.95 17.30
C HIS B 392 16.23 8.07 16.17
N GLY B 393 17.41 8.44 15.65
CA GLY B 393 17.94 7.78 14.47
C GLY B 393 18.16 6.29 14.65
N TYR B 394 18.67 5.89 15.83
CA TYR B 394 18.97 4.49 16.05
C TYR B 394 17.70 3.65 16.12
N THR B 395 16.68 4.12 16.84
CA THR B 395 15.46 3.34 16.97
C THR B 395 14.65 3.29 15.68
N ARG B 396 14.94 4.17 14.72
CA ARG B 396 14.23 4.13 13.41
C ARG B 396 14.56 2.81 12.70
N MET B 397 15.81 2.33 12.79
CA MET B 397 16.16 1.05 12.19
C MET B 397 15.42 -0.09 12.87
N TYR B 398 15.44 -0.12 14.20
CA TYR B 398 14.71 -1.16 14.94
C TYR B 398 13.22 -1.07 14.64
N TRP B 399 12.68 0.14 14.60
CA TRP B 399 11.26 0.35 14.34
C TRP B 399 10.85 -0.26 13.01
N ALA B 400 11.62 0.00 11.95
CA ALA B 400 11.23 -0.47 10.63
C ALA B 400 11.52 -1.96 10.44
N LYS B 401 12.58 -2.48 11.04
CA LYS B 401 12.89 -3.90 10.89
C LYS B 401 11.86 -4.79 11.58
N LYS B 402 11.27 -4.31 12.68
CA LYS B 402 10.25 -5.09 13.35
C LYS B 402 8.93 -5.07 12.60
N ILE B 403 8.66 -4.01 11.84
CA ILE B 403 7.47 -4.00 11.00
C ILE B 403 7.56 -5.10 9.96
N LEU B 404 8.76 -5.32 9.40
CA LEU B 404 8.95 -6.41 8.46
C LEU B 404 8.75 -7.76 9.14
N GLU B 405 9.17 -7.84 10.40
CA GLU B 405 9.11 -9.12 11.10
C GLU B 405 7.68 -9.49 11.49
N TRP B 406 6.84 -8.51 11.76
CA TRP B 406 5.50 -8.74 12.31
C TRP B 406 4.39 -8.30 11.34
N SER B 407 4.63 -8.42 10.04
CA SER B 407 3.61 -8.16 9.04
C SER B 407 3.51 -9.36 8.11
N GLU B 408 2.42 -9.43 7.35
CA GLU B 408 2.16 -10.69 6.65
C GLU B 408 2.96 -10.83 5.37
N SER B 409 3.48 -9.73 4.83
CA SER B 409 4.25 -9.79 3.60
C SER B 409 5.25 -8.64 3.56
N PRO B 410 6.35 -8.80 2.82
CA PRO B 410 7.28 -7.67 2.66
C PRO B 410 6.64 -6.43 2.08
N GLU B 411 5.70 -6.58 1.14
CA GLU B 411 5.05 -5.41 0.56
C GLU B 411 4.22 -4.67 1.59
N LYS B 412 3.46 -5.40 2.40
CA LYS B 412 2.68 -4.76 3.45
C LYS B 412 3.60 -4.06 4.45
N ALA B 413 4.74 -4.68 4.76
CA ALA B 413 5.71 -4.04 5.64
C ALA B 413 6.20 -2.72 5.06
N LEU B 414 6.54 -2.71 3.76
CA LEU B 414 6.95 -1.48 3.10
C LEU B 414 5.85 -0.44 3.18
N GLU B 415 4.60 -0.84 2.92
N GLU B 415 4.61 -0.84 2.90
CA GLU B 415 3.49 0.10 2.90
CA GLU B 415 3.50 0.09 2.91
C GLU B 415 3.23 0.66 4.28
C GLU B 415 3.26 0.68 4.29
N ILE B 416 3.38 -0.15 5.33
CA ILE B 416 3.13 0.33 6.68
C ILE B 416 4.24 1.28 7.12
N ALA B 417 5.50 0.90 6.89
CA ALA B 417 6.61 1.74 7.30
C ALA B 417 6.57 3.10 6.58
N ILE B 418 6.33 3.10 5.26
CA ILE B 418 6.24 4.36 4.51
C ILE B 418 5.08 5.21 5.00
N CYS B 419 3.91 4.59 5.21
CA CYS B 419 2.74 5.35 5.63
C CYS B 419 3.00 6.05 6.97
N LEU B 420 3.50 5.31 7.97
CA LEU B 420 3.70 5.91 9.28
C LEU B 420 4.87 6.89 9.27
N ASN B 421 5.90 6.63 8.47
CA ASN B 421 7.00 7.57 8.36
C ASN B 421 6.53 8.89 7.76
N ASP B 422 5.80 8.83 6.66
CA ASP B 422 5.39 10.04 5.96
C ASP B 422 4.27 10.78 6.68
N ARG B 423 3.51 10.08 7.54
CA ARG B 423 2.41 10.73 8.24
C ARG B 423 2.89 11.50 9.47
N TYR B 424 3.86 10.95 10.20
CA TYR B 424 4.19 11.46 11.52
C TYR B 424 5.57 12.07 11.66
N GLU B 425 6.54 11.73 10.81
CA GLU B 425 7.86 12.32 10.91
C GLU B 425 7.85 13.73 10.30
N LEU B 426 8.34 14.71 11.05
CA LEU B 426 8.46 16.05 10.49
C LEU B 426 9.39 16.06 9.28
N ASP B 427 10.44 15.24 9.30
CA ASP B 427 11.39 15.17 8.19
C ASP B 427 10.99 14.17 7.13
N GLY B 428 9.77 13.63 7.20
CA GLY B 428 9.30 12.62 6.28
C GLY B 428 8.95 13.16 4.90
N ARG B 429 8.43 12.27 4.06
CA ARG B 429 8.21 12.54 2.63
C ARG B 429 9.50 13.03 1.99
N ASP B 430 10.55 12.24 2.18
CA ASP B 430 11.90 12.70 1.92
C ASP B 430 12.70 11.55 1.33
N PRO B 431 13.58 11.83 0.37
CA PRO B 431 14.48 10.78 -0.12
C PRO B 431 15.22 10.02 0.99
N ASN B 432 15.61 10.69 2.08
CA ASN B 432 16.25 10.00 3.20
C ASN B 432 15.32 8.97 3.82
N GLY B 433 14.02 9.26 3.82
CA GLY B 433 13.06 8.33 4.39
C GLY B 433 12.91 7.07 3.55
N TYR B 434 12.76 7.25 2.24
CA TYR B 434 12.61 6.10 1.36
C TYR B 434 13.89 5.27 1.30
N ALA B 435 15.06 5.93 1.29
CA ALA B 435 16.32 5.20 1.33
C ALA B 435 16.55 4.54 2.69
N GLY B 436 16.08 5.14 3.78
CA GLY B 436 16.30 4.52 5.08
C GLY B 436 15.38 3.34 5.30
N ILE B 437 14.14 3.44 4.83
CA ILE B 437 13.23 2.30 4.87
C ILE B 437 13.70 1.20 3.94
N ALA B 438 14.18 1.57 2.74
CA ALA B 438 14.71 0.55 1.83
C ALA B 438 15.94 -0.15 2.40
N TRP B 439 16.78 0.59 3.14
CA TRP B 439 17.90 -0.05 3.83
C TRP B 439 17.41 -1.02 4.91
N SER B 440 16.42 -0.62 5.70
CA SER B 440 15.99 -1.43 6.85
C SER B 440 15.23 -2.67 6.41
N ILE B 441 14.39 -2.55 5.39
CA ILE B 441 13.48 -3.62 4.99
C ILE B 441 14.01 -4.40 3.79
N GLY B 442 14.70 -3.72 2.87
CA GLY B 442 15.12 -4.41 1.66
C GLY B 442 16.62 -4.49 1.47
N GLY B 443 17.39 -4.06 2.48
CA GLY B 443 18.84 -4.16 2.37
C GLY B 443 19.48 -3.25 1.34
N VAL B 444 18.78 -2.20 0.87
CA VAL B 444 19.42 -1.26 -0.05
C VAL B 444 20.58 -0.57 0.65
N HIS B 445 21.74 -0.52 -0.02
CA HIS B 445 22.99 0.01 0.53
C HIS B 445 23.47 -0.77 1.76
N ASP B 446 23.03 -2.02 1.91
CA ASP B 446 23.51 -2.91 2.96
C ASP B 446 24.03 -4.19 2.30
N ARG B 447 24.40 -5.16 3.12
CA ARG B 447 24.82 -6.48 2.65
C ARG B 447 23.96 -7.56 3.30
N ALA B 448 24.18 -8.80 2.88
CA ALA B 448 23.43 -9.94 3.38
C ALA B 448 24.06 -10.47 4.66
N TRP B 449 23.20 -10.95 5.56
CA TRP B 449 23.60 -11.54 6.82
C TRP B 449 23.03 -12.94 6.94
N GLY B 450 23.24 -13.56 8.09
CA GLY B 450 22.77 -14.92 8.34
C GLY B 450 21.30 -15.12 8.05
N GLU B 451 20.97 -16.22 7.38
CA GLU B 451 19.59 -16.43 6.98
C GLU B 451 18.73 -16.78 8.18
N ARG B 452 17.57 -16.12 8.29
CA ARG B 452 16.62 -16.38 9.36
C ARG B 452 15.24 -16.60 8.76
N GLU B 453 14.33 -17.11 9.58
CA GLU B 453 12.93 -17.20 9.18
C GLU B 453 12.34 -15.82 9.01
N VAL B 454 11.35 -15.72 8.12
CA VAL B 454 10.60 -14.49 7.83
C VAL B 454 11.50 -13.46 7.15
N THR B 455 12.53 -12.98 7.85
CA THR B 455 13.34 -11.87 7.36
C THR B 455 14.48 -12.31 6.46
N GLY B 456 14.74 -13.61 6.35
CA GLY B 456 15.77 -14.07 5.43
C GLY B 456 17.16 -13.58 5.79
N LYS B 457 17.86 -13.07 4.78
CA LYS B 457 19.22 -12.58 4.93
C LYS B 457 19.27 -11.08 5.19
N ILE B 458 18.13 -10.44 5.45
CA ILE B 458 18.13 -9.03 5.81
C ILE B 458 18.71 -8.86 7.21
N ARG B 459 19.49 -7.79 7.39
CA ARG B 459 20.11 -7.52 8.69
C ARG B 459 19.06 -7.53 9.80
N TYR B 460 19.34 -8.30 10.84
CA TYR B 460 18.43 -8.49 11.96
C TYR B 460 18.85 -7.63 13.15
N MET B 461 17.86 -7.15 13.90
CA MET B 461 18.08 -6.43 15.14
C MET B 461 17.13 -6.97 16.20
N SER B 462 17.63 -7.15 17.42
CA SER B 462 16.87 -7.79 18.47
C SER B 462 16.73 -6.88 19.69
N TYR B 463 15.72 -7.18 20.50
CA TYR B 463 15.54 -6.47 21.76
C TYR B 463 16.75 -6.67 22.67
N GLU B 464 17.28 -7.88 22.71
CA GLU B 464 18.46 -8.14 23.54
C GLU B 464 19.68 -7.39 23.02
N GLY B 465 19.79 -7.22 21.70
CA GLY B 465 20.90 -6.46 21.16
C GLY B 465 20.88 -5.01 21.60
N CYS B 466 19.69 -4.42 21.65
CA CYS B 466 19.57 -3.05 22.12
C CYS B 466 19.91 -2.94 23.61
N LYS B 467 19.66 -4.02 24.37
CA LYS B 467 19.91 -4.00 25.81
C LYS B 467 21.39 -3.87 26.11
N ARG B 468 22.26 -4.39 25.24
CA ARG B 468 23.68 -4.27 25.53
CA ARG B 468 23.72 -4.34 25.37
C ARG B 468 24.31 -3.01 24.94
N LYS B 469 23.52 -2.08 24.41
CA LYS B 469 24.06 -0.84 23.87
C LYS B 469 23.57 0.44 24.55
N PHE B 470 22.40 0.38 25.18
CA PHE B 470 21.83 1.58 25.83
C PHE B 470 20.78 1.22 26.87
N ASP B 471 20.48 2.16 27.77
CA ASP B 471 19.48 1.93 28.85
C ASP B 471 18.09 1.89 28.21
N VAL B 472 17.68 0.70 27.82
CA VAL B 472 16.38 0.55 27.14
C VAL B 472 15.24 0.98 28.04
N LYS B 473 15.33 0.65 29.34
CA LYS B 473 14.28 1.02 30.28
C LYS B 473 14.11 2.52 30.36
N LEU B 474 15.23 3.26 30.29
CA LEU B 474 15.15 4.72 30.31
C LEU B 474 14.38 5.24 29.10
N TYR B 475 14.61 4.64 27.93
CA TYR B 475 13.87 5.05 26.74
C TYR B 475 12.40 4.69 26.85
N ILE B 476 12.11 3.49 27.35
CA ILE B 476 10.72 3.06 27.49
C ILE B 476 9.98 3.94 28.49
N GLU B 477 10.64 4.30 29.59
CA GLU B 477 9.98 5.11 30.61
C GLU B 477 9.74 6.53 30.13
N LYS B 478 10.64 7.08 29.32
CA LYS B 478 10.49 8.44 28.83
C LYS B 478 9.28 8.61 27.94
N TYR B 479 8.87 7.55 27.25
CA TYR B 479 7.79 7.62 26.27
C TYR B 479 6.67 6.62 26.59
N SER B 480 6.44 6.36 27.86
CA SER B 480 5.39 5.43 28.27
C SER B 480 4.01 6.03 27.99
P TTD C 6 -7.57 -17.74 -22.89
OP1 TTD C 6 -6.93 -17.73 -21.53
OP2 TTD C 6 -8.35 -18.97 -23.33
O5' TTD C 6 -8.59 -16.50 -23.05
C5' TTD C 6 -8.95 -15.61 -22.00
C4R TTD C 6 -10.21 -14.89 -22.46
O4' TTD C 6 -11.19 -14.82 -21.42
C3R TTD C 6 -9.95 -13.47 -22.89
O3R TTD C 6 -10.55 -13.33 -24.18
C2' TTD C 6 -10.68 -12.62 -21.86
C1' TTD C 6 -11.82 -13.53 -21.45
N1 TTD C 6 -12.37 -13.13 -20.15
C2 TTD C 6 -13.55 -13.64 -19.85
O2 TTD C 6 -14.14 -14.28 -20.72
N3 TTD C 6 -14.08 -13.46 -18.64
C4 TTD C 6 -13.36 -13.14 -17.57
O4 TTD C 6 -13.76 -13.39 -16.45
C5 TTD C 6 -12.03 -12.43 -17.76
C5A TTD C 6 -10.93 -13.05 -16.89
C6 TTD C 6 -11.62 -12.25 -19.23
PB TTD C 6 -10.35 -12.02 -25.09
O5P TTD C 6 -10.94 -12.33 -26.45
O4P TTD C 6 -8.92 -11.54 -24.96
O5R TTD C 6 -11.23 -10.88 -24.40
C5R TTD C 6 -12.63 -10.80 -24.61
O4R TTD C 6 -13.47 -10.90 -22.30
C2R TTD C 6 -12.46 -8.98 -21.40
C1R TTD C 6 -13.52 -10.04 -21.15
N1T TTD C 6 -13.44 -10.76 -19.87
C2T TTD C 6 -14.58 -10.39 -19.10
O2T TTD C 6 -15.61 -10.22 -19.72
N3T TTD C 6 -14.55 -10.27 -17.77
C4T TTD C 6 -13.48 -10.46 -17.02
O4T TTD C 6 -13.51 -10.26 -15.82
C5T TTD C 6 -12.19 -10.91 -17.67
C5M TTD C 6 -11.00 -10.27 -16.96
C6T TTD C 6 -12.12 -10.80 -19.20
C4' TTD C 6 -13.28 -10.06 -23.43
C3' TTD C 6 -12.51 -8.84 -22.92
O3' TTD C 6 -13.24 -7.66 -23.26
P TTD E 6 30.02 0.86 4.04
OP1 TTD E 6 29.19 0.81 2.78
OP2 TTD E 6 31.30 1.67 4.03
O5' TTD E 6 29.14 1.45 5.26
C5' TTD E 6 28.14 0.66 5.89
C4R TTD E 6 28.18 1.01 7.38
O4' TTD E 6 27.56 2.27 7.67
C3R TTD E 6 27.47 -0.04 8.22
O3R TTD E 6 28.42 -0.47 9.20
C2' TTD E 6 26.34 0.72 8.88
C1' TTD E 6 26.86 2.14 8.92
N1 TTD E 6 25.74 3.08 9.09
C2 TTD E 6 26.05 4.30 9.54
O2 TTD E 6 27.19 4.56 9.88
N3 TTD E 6 25.10 5.23 9.62
C4 TTD E 6 24.02 5.20 8.85
O4 TTD E 6 23.44 6.23 8.54
C5 TTD E 6 23.48 3.86 8.38
C5A TTD E 6 23.10 3.88 6.91
C6 TTD E 6 24.38 2.68 8.74
PB TTD E 6 28.17 -1.81 10.04
O5P TTD E 6 29.43 -2.09 10.82
O4P TTD E 6 27.60 -2.84 9.09
O5R TTD E 6 27.02 -1.39 11.08
C5R TTD E 6 27.33 -0.54 12.18
O4R TTD E 6 25.92 1.44 12.00
C2R TTD E 6 23.77 0.49 12.00
C1R TTD E 6 24.54 1.80 12.11
N1T TTD E 6 24.10 2.87 11.18
C2T TTD E 6 23.39 3.85 11.93
O2T TTD E 6 23.64 3.94 13.12
N3T TTD E 6 22.49 4.65 11.38
C4T TTD E 6 21.83 4.37 10.27
O4T TTD E 6 20.77 4.88 9.95
C5T TTD E 6 22.43 3.33 9.34
C5M TTD E 6 21.28 2.64 8.60
C6T TTD E 6 23.47 2.38 9.94
C4' TTD E 6 26.08 0.20 12.67
C3' TTD E 6 24.78 -0.55 12.45
O3' TTD E 6 24.37 -1.10 13.71
PA FAD G . -21.35 -13.49 -12.89
O1A FAD G . -22.73 -13.96 -12.66
O2A FAD G . -21.11 -12.98 -14.44
O5B FAD G . -20.26 -14.74 -12.55
C5B FAD G . -20.55 -15.78 -11.60
C4B FAD G . -19.39 -16.06 -10.82
O4B FAD G . -18.34 -16.44 -11.68
C3B FAD G . -18.93 -15.00 -10.11
O3B FAD G . -19.64 -14.75 -8.90
C2B FAD G . -17.60 -15.33 -9.89
O2B FAD G . -17.47 -16.20 -8.76
C1B FAD G . -17.16 -15.93 -11.04
N9A FAD G . -16.52 -14.99 -11.83
C8A FAD G . -17.12 -14.23 -12.68
N7A FAD G . -16.21 -13.42 -13.25
C5A FAD G . -14.97 -13.71 -12.69
C6A FAD G . -13.66 -13.24 -12.82
N6A FAD G . -13.30 -12.18 -13.76
N1A FAD G . -12.72 -13.80 -12.07
C2A FAD G . -12.98 -14.75 -11.20
N3A FAD G . -14.22 -15.24 -11.03
C4A FAD G . -15.23 -14.76 -11.74
N1 FAD G . -14.79 -11.13 -7.82
C2 FAD G . -14.98 -11.35 -6.51
O2 FAD G . -15.57 -12.49 -6.12
N3 FAD G . -14.49 -10.50 -5.62
C4 FAD G . -13.89 -9.41 -6.02
O4 FAD G . -13.48 -8.59 -5.05
C4X FAD G . -13.78 -9.09 -7.35
N5 FAD G . -13.27 -7.90 -7.66
C5X FAD G . -12.88 -7.87 -8.96
C6 FAD G . -11.97 -6.90 -9.31
C7 FAD G . -11.59 -6.69 -10.63
C7M FAD G . -10.64 -5.52 -11.04
C8 FAD G . -12.02 -7.59 -11.61
C8M FAD G . -11.57 -7.44 -13.09
C9 FAD G . -12.86 -8.64 -11.24
C9A FAD G . -13.36 -8.80 -9.92
N10 FAD G . -14.18 -9.74 -9.59
C10 FAD G . -14.30 -9.97 -8.29
C1' FAD G . -14.66 -10.72 -10.62
C2' FAD G . -16.03 -10.37 -11.15
O2' FAD G . -16.04 -9.15 -11.51
C3' FAD G . -17.09 -10.65 -10.21
O3' FAD G . -16.92 -11.87 -9.65
C4' FAD G . -18.40 -10.60 -10.77
O4' FAD G . -18.70 -9.44 -11.23
C5' FAD G . -19.33 -10.95 -9.64
O5' FAD G . -20.70 -10.57 -9.94
P FAD G . -21.75 -11.82 -10.44
O1P FAD G . -21.70 -12.90 -9.47
O2P FAD G . -23.25 -11.18 -10.63
O3P FAD G . -21.04 -12.20 -11.89
S SO4 H . -20.22 1.44 4.65
O1 SO4 H . -19.50 0.27 4.16
O2 SO4 H . -19.38 2.20 5.57
O3 SO4 H . -20.60 2.29 3.52
O4 SO4 H . -21.40 0.96 5.36
PA FAD I . 21.93 13.48 12.68
O1A FAD I . 22.21 14.74 13.38
O2A FAD I . 22.76 12.22 13.39
O5B FAD I . 22.41 13.60 11.07
C5B FAD I . 22.32 14.85 10.36
C4B FAD I . 21.81 14.63 9.05
O4B FAD I . 22.52 13.60 8.40
C3B FAD I . 20.52 14.23 9.08
O3B FAD I . 19.65 15.33 9.26
C2B FAD I . 20.34 13.62 7.86
O2B FAD I . 20.14 14.58 6.83
C1B FAD I . 21.49 12.92 7.64
N9A FAD I . 21.35 11.60 8.01
C8A FAD I . 21.59 11.16 9.18
N7A FAD I . 21.36 9.84 9.19
C5A FAD I . 20.96 9.47 7.92
C6A FAD I . 20.58 8.29 7.24
N6A FAD I . 20.54 7.00 7.91
N1A FAD I . 20.25 8.34 5.96
C2A FAD I . 20.27 9.47 5.29
N3A FAD I . 20.62 10.63 5.86
C4A FAD I . 20.98 10.68 7.15
N1 FAD I . 15.61 10.91 7.43
C2 FAD I . 14.83 11.87 6.88
O2 FAD I . 15.40 13.03 6.55
N3 FAD I . 13.54 11.66 6.66
C4 FAD I . 13.01 10.51 6.97
O4 FAD I . 11.70 10.38 6.73
C4X FAD I . 13.76 9.51 7.56
N5 FAD I . 13.13 8.40 7.90
C5X FAD I . 13.98 7.39 8.21
C6 FAD I . 13.42 6.13 8.30
C7 FAD I . 14.20 5.01 8.59
C7M FAD I . 13.57 3.61 8.71
C8 FAD I . 15.58 5.18 8.77
C8M FAD I . 16.48 3.96 9.09
C9 FAD I . 16.15 6.43 8.66
C9A FAD I . 15.36 7.59 8.40
N10 FAD I . 15.88 8.78 8.30
C10 FAD I . 15.11 9.72 7.81
C1' FAD I . 17.35 9.01 8.49
C2' FAD I . 17.68 9.39 9.92
O2' FAD I . 17.11 8.59 10.73
C3' FAD I . 17.35 10.75 10.23
O3' FAD I . 17.72 11.51 9.18
C4' FAD I . 17.96 11.24 11.41
O4' FAD I . 17.64 10.52 12.44
C5' FAD I . 17.44 12.65 11.55
O5' FAD I . 17.71 13.27 12.85
P FAD I . 19.06 14.28 12.99
O1P FAD I . 19.05 15.30 11.94
O2P FAD I . 19.14 14.98 14.49
O3P FAD I . 20.30 13.20 12.78
#